data_7VBM
#
_entry.id   7VBM
#
loop_
_entity.id
_entity.type
_entity.pdbx_description
1 polymer 'Histone H3mm18'
2 polymer 'Histone H4'
3 polymer 'Histone H2A type 1-B'
4 polymer 'Histone H2B type 3-A'
5 polymer 'DNA (126-MER)'
6 polymer 'DNA (126-MER)'
#
loop_
_entity_poly.entity_id
_entity_poly.type
_entity_poly.pdbx_seq_one_letter_code
_entity_poly.pdbx_strand_id
1 'polypeptide(L)'
;GSHMARTKQTARKSTGDKAPRKQLATKAARKSAPSTGGVKKPHCYRPGTVALREIRSYQKSSELLIRKLPFQRLVLEIAQ
DFKTDLCFQSAAIGALQEASEAYLVGLFEDTNLCAIHAKRVTIMPKDTQLAGYICRECA
;
A,E
2 'polypeptide(L)'
;GSHMSGRGKGGKGLGKGGAKRHRKVLRDNIQGITKPAIRRLARRGGVKRISGLIYEETRGVLKVFLENVIRDAVTYTEHA
KRKTVTAMDVVYALKRQGRTLYGFGG
;
B,F
3 'polypeptide(L)'
;GSHMSGRGKQGGKARAKAKTRSSRAGLQFPVGRVHRLLRKGNYSERVGAGAPVYLAAVLEYLTAEILELAGNAARDNKKT
RIIPRHLQLAIRNDEELNKLLGRVTIAQGGVLPNIQAVLLPKKTESHHKAKGK
;
C,G
4 'polypeptide(L)'
;GSHMPEPSRSTPAPKKGSKKAITKAQKKDGKKRKRGRKESYSIYVYKVLKQVHPDTGISSKAMGIMNSFVNDIFERIASE
ASRLAHYNKRSTITSREVQTAVRLLLPGELAKHAVSEGTKAVTKYTSSK
;
D,H
5 'polydeoxyribonucleotide'
;(DA)(DT)(DC)(DA)(DG)(DA)(DA)(DT)(DC)(DC)(DC)(DG)(DG)(DT)(DG)(DC)(DC)(DG)(DA)(DG)
(DG)(DC)(DC)(DG)(DC)(DT)(DC)(DA)(DA)(DT)(DT)(DG)(DG)(DT)(DC)(DG)(DT)(DA)(DG)(DA)
(DC)(DA)(DG)(DC)(DT)(DC)(DT)(DA)(DG)(DC)(DA)(DC)(DC)(DG)(DC)(DT)(DT)(DA)(DA)(DA)
(DC)(DG)(DC)(DA)(DC)(DG)(DT)(DA)(DC)(DG)(DC)(DG)(DC)(DT)(DG)(DT)(DC)(DC)(DC)(DC)
(DC)(DG)(DC)(DG)(DT)(DT)(DT)(DT)(DA)(DA)(DC)(DC)(DG)(DC)(DC)(DA)(DA)(DG)(DG)(DG)
(DG)(DA)(DT)(DT)(DA)(DC)(DT)(DC)(DC)(DC)(DT)(DA)(DG)(DT)(DC)(DT)(DC)(DC)(DA)(DG)
(DG)(DC)(DA)(DC)(DG)(DT)(DG)(DT)(DC)(DA)(DG)(DA)(DT)(DA)(DT)(DA)(DT)(DA)(DC)(DA)
(DT)(DC)(DG)(DA)(DT)
;
I
6 'polydeoxyribonucleotide'
;(DA)(DT)(DC)(DG)(DA)(DT)(DG)(DT)(DA)(DT)(DA)(DT)(DA)(DT)(DC)(DT)(DG)(DA)(DC)(DA)
(DC)(DG)(DT)(DG)(DC)(DC)(DT)(DG)(DG)(DA)(DG)(DA)(DC)(DT)(DA)(DG)(DG)(DG)(DA)(DG)
(DT)(DA)(DA)(DT)(DC)(DC)(DC)(DC)(DT)(DT)(DG)(DG)(DC)(DG)(DG)(DT)(DT)(DA)(DA)(DA)
(DA)(DC)(DG)(DC)(DG)(DG)(DG)(DG)(DG)(DA)(DC)(DA)(DG)(DC)(DG)(DC)(DG)(DT)(DA)(DC)
(DG)(DT)(DG)(DC)(DG)(DT)(DT)(DT)(DA)(DA)(DG)(DC)(DG)(DG)(DT)(DG)(DC)(DT)(DA)(DG)
(DA)(DG)(DC)(DT)(DG)(DT)(DC)(DT)(DA)(DC)(DG)(DA)(DC)(DC)(DA)(DA)(DT)(DT)(DG)(DA)
(DG)(DC)(DG)(DG)(DC)(DC)(DT)(DC)(DG)(DG)(DC)(DA)(DC)(DC)(DG)(DG)(DG)(DA)(DT)(DT)
(DC)(DT)(DG)(DA)(DT)
;
J
#
loop_
_chem_comp.id
_chem_comp.type
_chem_comp.name
_chem_comp.formula
DA DNA linking 2'-DEOXYADENOSINE-5'-MONOPHOSPHATE 'C10 H14 N5 O6 P'
DC DNA linking 2'-DEOXYCYTIDINE-5'-MONOPHOSPHATE 'C9 H14 N3 O7 P'
DG DNA linking 2'-DEOXYGUANOSINE-5'-MONOPHOSPHATE 'C10 H14 N5 O7 P'
DT DNA linking THYMIDINE-5'-MONOPHOSPHATE 'C10 H15 N2 O8 P'
#
# COMPACT_ATOMS: atom_id res chain seq x y z
N LEU A 65 -18.48 9.26 -19.86
CA LEU A 65 -18.09 10.71 -19.90
C LEU A 65 -17.00 11.09 -20.92
N ILE A 66 -16.16 10.17 -21.38
CA ILE A 66 -15.13 10.30 -22.40
C ILE A 66 -15.48 9.34 -23.53
N ARG A 67 -15.43 9.83 -24.75
CA ARG A 67 -15.77 9.01 -25.91
C ARG A 67 -14.81 7.83 -26.02
N LYS A 68 -15.33 6.68 -26.43
CA LYS A 68 -14.55 5.45 -26.38
C LYS A 68 -13.44 5.41 -27.41
N LEU A 69 -13.74 5.82 -28.64
CA LEU A 69 -12.73 5.76 -29.70
C LEU A 69 -11.55 6.69 -29.44
N PRO A 70 -11.74 7.97 -29.07
CA PRO A 70 -10.56 8.79 -28.73
C PRO A 70 -9.74 8.23 -27.60
N PHE A 71 -10.38 7.66 -26.58
CA PHE A 71 -9.63 7.10 -25.46
C PHE A 71 -8.83 5.88 -25.90
N GLN A 72 -9.43 5.00 -26.70
CA GLN A 72 -8.69 3.85 -27.20
C GLN A 72 -7.52 4.28 -28.07
N ARG A 73 -7.73 5.29 -28.91
CA ARG A 73 -6.64 5.77 -29.74
C ARG A 73 -5.50 6.35 -28.89
N LEU A 74 -5.85 7.10 -27.84
CA LEU A 74 -4.83 7.62 -26.94
C LEU A 74 -4.06 6.49 -26.25
N VAL A 75 -4.77 5.46 -25.81
CA VAL A 75 -4.12 4.33 -25.16
C VAL A 75 -3.14 3.65 -26.12
N LEU A 76 -3.57 3.41 -27.35
CA LEU A 76 -2.69 2.78 -28.32
C LEU A 76 -1.49 3.68 -28.64
N GLU A 77 -1.71 5.00 -28.75
CA GLU A 77 -0.59 5.90 -28.96
C GLU A 77 0.42 5.81 -27.82
N ILE A 78 -0.06 5.80 -26.57
CA ILE A 78 0.86 5.73 -25.44
C ILE A 78 1.57 4.38 -25.39
N ALA A 79 0.85 3.30 -25.70
CA ALA A 79 1.42 1.96 -25.64
C ALA A 79 2.43 1.69 -26.74
N GLN A 80 2.38 2.40 -27.86
CA GLN A 80 3.33 2.19 -28.93
C GLN A 80 4.76 2.54 -28.52
N ASP A 81 4.92 3.36 -27.49
CA ASP A 81 6.25 3.80 -27.06
C ASP A 81 6.90 2.82 -26.10
N PHE A 82 6.23 1.73 -25.71
CA PHE A 82 6.74 0.75 -24.74
C PHE A 82 7.02 -0.61 -25.40
N LYS A 83 6.08 -1.14 -26.17
CA LYS A 83 6.34 -2.20 -27.16
C LYS A 83 5.58 -1.89 -28.45
N THR A 84 6.28 -1.94 -29.58
CA THR A 84 5.74 -1.67 -30.92
C THR A 84 4.68 -2.67 -31.40
N ASP A 85 4.60 -3.83 -30.78
CA ASP A 85 4.00 -5.05 -31.32
C ASP A 85 2.59 -5.35 -30.78
N LEU A 86 2.17 -4.61 -29.74
CA LEU A 86 1.01 -4.94 -28.90
C LEU A 86 -0.32 -4.87 -29.64
N CYS A 87 -1.28 -5.58 -29.08
CA CYS A 87 -2.71 -5.31 -29.26
C CYS A 87 -3.40 -5.39 -27.90
N PHE A 88 -4.59 -4.81 -27.76
CA PHE A 88 -5.28 -4.69 -26.47
C PHE A 88 -6.67 -5.32 -26.55
N GLN A 89 -7.00 -6.19 -25.59
CA GLN A 89 -8.36 -6.68 -25.46
C GLN A 89 -9.30 -5.53 -25.12
N SER A 90 -10.54 -5.62 -25.62
CA SER A 90 -11.51 -4.56 -25.35
C SER A 90 -11.75 -4.39 -23.86
N ALA A 91 -11.67 -5.48 -23.09
CA ALA A 91 -11.82 -5.36 -21.64
C ALA A 91 -10.67 -4.57 -21.03
N ALA A 92 -9.46 -4.69 -21.57
CA ALA A 92 -8.35 -3.88 -21.08
C ALA A 92 -8.61 -2.41 -21.31
N ILE A 93 -9.14 -2.06 -22.49
CA ILE A 93 -9.47 -0.67 -22.79
C ILE A 93 -10.57 -0.19 -21.85
N GLY A 94 -11.57 -1.03 -21.58
CA GLY A 94 -12.62 -0.64 -20.65
C GLY A 94 -12.10 -0.41 -19.24
N ALA A 95 -11.20 -1.29 -18.77
CA ALA A 95 -10.62 -1.11 -17.45
C ALA A 95 -9.82 0.17 -17.37
N LEU A 96 -9.01 0.45 -18.39
CA LEU A 96 -8.25 1.69 -18.42
C LEU A 96 -9.17 2.90 -18.43
N GLN A 97 -10.24 2.85 -19.22
CA GLN A 97 -11.17 3.97 -19.31
C GLN A 97 -11.84 4.25 -17.97
N GLU A 98 -12.31 3.19 -17.30
CA GLU A 98 -12.98 3.40 -16.03
C GLU A 98 -12.02 3.89 -14.95
N ALA A 99 -10.80 3.33 -14.93
CA ALA A 99 -9.80 3.81 -13.97
C ALA A 99 -9.48 5.28 -14.21
N SER A 100 -9.30 5.67 -15.47
CA SER A 100 -8.99 7.07 -15.80
C SER A 100 -10.15 7.99 -15.43
N GLU A 101 -11.38 7.58 -15.72
CA GLU A 101 -12.54 8.38 -15.36
C GLU A 101 -12.59 8.62 -13.87
N ALA A 102 -12.43 7.55 -13.07
CA ALA A 102 -12.47 7.69 -11.63
C ALA A 102 -11.35 8.59 -11.12
N TYR A 103 -10.14 8.40 -11.67
CA TYR A 103 -9.01 9.22 -11.24
C TYR A 103 -9.25 10.70 -11.51
N LEU A 104 -9.73 11.03 -12.70
CA LEU A 104 -9.97 12.43 -13.03
C LEU A 104 -11.11 13.02 -12.19
N VAL A 105 -12.15 12.23 -11.91
CA VAL A 105 -13.25 12.74 -11.09
C VAL A 105 -12.76 13.05 -9.67
N GLY A 106 -11.96 12.15 -9.09
CA GLY A 106 -11.40 12.43 -7.78
C GLY A 106 -10.48 13.64 -7.79
N LEU A 107 -9.68 13.78 -8.84
CA LEU A 107 -8.81 14.94 -8.98
C LEU A 107 -9.64 16.22 -9.02
N PHE A 108 -10.77 16.21 -9.72
CA PHE A 108 -11.60 17.40 -9.79
C PHE A 108 -12.30 17.69 -8.47
N GLU A 109 -12.67 16.66 -7.70
CA GLU A 109 -13.21 16.90 -6.37
C GLU A 109 -12.18 17.62 -5.49
N ASP A 110 -10.94 17.13 -5.46
CA ASP A 110 -9.87 17.76 -4.64
C ASP A 110 -9.54 19.16 -5.21
N THR A 111 -9.61 19.37 -6.53
CA THR A 111 -9.38 20.69 -7.11
C THR A 111 -10.45 21.68 -6.68
N ASN A 112 -11.71 21.24 -6.69
CA ASN A 112 -12.79 22.11 -6.24
C ASN A 112 -12.64 22.48 -4.78
N LEU A 113 -12.25 21.51 -3.94
CA LEU A 113 -12.03 21.83 -2.53
C LEU A 113 -10.93 22.87 -2.35
N CYS A 114 -9.83 22.71 -3.10
CA CYS A 114 -8.75 23.70 -3.02
C CYS A 114 -9.22 25.07 -3.49
N ALA A 115 -10.01 25.12 -4.56
CA ALA A 115 -10.52 26.39 -5.07
C ALA A 115 -11.39 27.09 -4.03
N ILE A 116 -12.30 26.33 -3.40
CA ILE A 116 -13.15 26.91 -2.37
C ILE A 116 -12.31 27.40 -1.18
N HIS A 117 -11.21 26.69 -0.89
CA HIS A 117 -10.31 27.16 0.16
C HIS A 117 -9.71 28.52 -0.20
N ALA A 118 -9.38 28.79 -1.47
CA ALA A 118 -8.90 30.08 -1.96
C ALA A 118 -9.89 31.24 -1.80
N LYS A 119 -11.19 30.94 -1.62
CA LYS A 119 -12.39 31.80 -1.69
C LYS A 119 -12.93 32.01 -3.10
N ARG A 120 -12.21 31.55 -4.11
CA ARG A 120 -12.70 31.48 -5.49
C ARG A 120 -13.85 30.48 -5.65
N VAL A 121 -14.48 30.55 -6.81
CA VAL A 121 -15.43 29.58 -7.34
C VAL A 121 -14.84 28.92 -8.58
N THR A 122 -13.96 29.64 -9.27
CA THR A 122 -13.35 29.13 -10.50
C THR A 122 -12.09 28.34 -10.17
N ILE A 123 -12.03 27.10 -10.67
CA ILE A 123 -10.84 26.28 -10.51
C ILE A 123 -9.78 26.74 -11.50
N MET A 124 -8.54 26.82 -11.03
CA MET A 124 -7.40 27.29 -11.80
C MET A 124 -6.31 26.23 -11.72
N PRO A 125 -5.35 26.24 -12.66
CA PRO A 125 -4.33 25.18 -12.65
C PRO A 125 -3.53 25.10 -11.36
N LYS A 126 -3.40 26.20 -10.62
CA LYS A 126 -2.75 26.13 -9.31
C LYS A 126 -3.53 25.24 -8.36
N ASP A 127 -4.86 25.24 -8.47
CA ASP A 127 -5.67 24.34 -7.65
C ASP A 127 -5.35 22.88 -7.94
N THR A 128 -5.23 22.53 -9.23
CA THR A 128 -4.88 21.16 -9.61
C THR A 128 -3.47 20.81 -9.16
N GLN A 129 -2.54 21.76 -9.25
CA GLN A 129 -1.19 21.51 -8.78
C GLN A 129 -1.16 21.24 -7.29
N LEU A 130 -1.93 21.99 -6.51
CA LEU A 130 -1.98 21.71 -5.06
C LEU A 130 -2.65 20.37 -4.78
N ALA A 131 -3.71 20.03 -5.52
CA ALA A 131 -4.39 18.77 -5.30
C ALA A 131 -3.52 17.58 -5.67
N GLY A 132 -2.61 17.76 -6.63
CA GLY A 132 -1.70 16.68 -6.97
C GLY A 132 -0.49 16.64 -6.07
N TYR A 133 -0.05 17.79 -5.58
CA TYR A 133 1.12 17.84 -4.72
C TYR A 133 0.82 17.25 -3.34
N ILE A 134 -0.30 17.64 -2.74
CA ILE A 134 -0.61 17.17 -1.39
C ILE A 134 -0.95 15.70 -1.41
N CYS A 135 -1.69 15.24 -2.43
CA CYS A 135 -2.08 13.84 -2.50
C CYS A 135 -0.89 12.90 -2.63
N ARG A 136 0.26 13.40 -3.05
CA ARG A 136 1.48 12.61 -3.23
C ARG A 136 1.27 11.52 -4.28
N LYS B 24 0.32 0.67 -37.59
CA LYS B 24 0.73 2.01 -37.97
C LYS B 24 1.10 2.85 -36.73
N VAL B 25 1.47 4.11 -36.97
CA VAL B 25 1.85 5.02 -35.90
C VAL B 25 0.69 5.98 -35.66
N LEU B 26 0.62 6.49 -34.42
CA LEU B 26 -0.43 7.41 -34.02
C LEU B 26 0.16 8.69 -33.47
N ARG B 27 -0.57 9.79 -33.63
CA ARG B 27 -0.13 11.11 -33.22
C ARG B 27 -1.24 11.84 -32.49
N ASP B 28 -0.84 12.74 -31.60
CA ASP B 28 -1.65 13.81 -31.02
C ASP B 28 -3.08 13.41 -30.61
N ASN B 29 -3.34 12.19 -30.08
CA ASN B 29 -4.68 11.80 -29.71
C ASN B 29 -5.09 12.33 -28.34
N ILE B 30 -4.15 12.92 -27.59
CA ILE B 30 -4.51 13.52 -26.31
C ILE B 30 -5.40 14.74 -26.52
N GLN B 31 -5.32 15.37 -27.68
CA GLN B 31 -6.23 16.46 -28.03
C GLN B 31 -7.61 15.96 -28.44
N GLY B 32 -7.82 14.64 -28.46
CA GLY B 32 -9.12 14.06 -28.63
C GLY B 32 -9.96 14.02 -27.38
N ILE B 33 -9.41 14.48 -26.26
CA ILE B 33 -10.17 14.65 -25.02
C ILE B 33 -10.69 16.09 -25.07
N THR B 34 -11.86 16.25 -25.70
CA THR B 34 -12.37 17.57 -26.01
C THR B 34 -12.72 18.34 -24.73
N LYS B 35 -12.95 19.64 -24.89
CA LYS B 35 -13.38 20.59 -23.85
C LYS B 35 -14.65 20.14 -23.13
N PRO B 36 -15.72 19.65 -23.80
CA PRO B 36 -16.92 19.19 -23.09
C PRO B 36 -16.70 17.94 -22.25
N ALA B 37 -15.82 17.03 -22.66
CA ALA B 37 -15.56 15.84 -21.85
C ALA B 37 -14.94 16.21 -20.51
N ILE B 38 -13.92 17.08 -20.54
CA ILE B 38 -13.29 17.52 -19.30
C ILE B 38 -14.29 18.30 -18.45
N ARG B 39 -15.14 19.10 -19.10
CA ARG B 39 -16.16 19.82 -18.36
C ARG B 39 -17.11 18.87 -17.66
N ARG B 40 -17.55 17.81 -18.35
CA ARG B 40 -18.46 16.84 -17.75
C ARG B 40 -17.81 16.13 -16.58
N LEU B 41 -16.54 15.74 -16.74
CA LEU B 41 -15.81 15.14 -15.61
C LEU B 41 -15.79 16.09 -14.42
N ALA B 42 -15.59 17.39 -14.68
CA ALA B 42 -15.59 18.37 -13.59
C ALA B 42 -16.96 18.48 -12.94
N ARG B 43 -18.04 18.55 -13.73
CA ARG B 43 -19.43 18.65 -13.23
C ARG B 43 -19.74 17.45 -12.34
N ARG B 44 -19.30 16.27 -12.74
CA ARG B 44 -19.45 15.08 -11.91
C ARG B 44 -18.61 15.21 -10.64
N GLY B 45 -17.42 15.79 -10.75
CA GLY B 45 -16.63 16.06 -9.55
C GLY B 45 -17.23 17.12 -8.66
N GLY B 46 -17.97 18.07 -9.23
CA GLY B 46 -18.62 19.09 -8.43
C GLY B 46 -18.14 20.50 -8.69
N VAL B 47 -17.42 20.69 -9.78
CA VAL B 47 -16.89 21.99 -10.16
C VAL B 47 -17.96 22.76 -10.93
N LYS B 48 -18.12 24.04 -10.60
CA LYS B 48 -19.12 24.88 -11.25
C LYS B 48 -18.55 25.76 -12.36
N ARG B 49 -17.42 26.43 -12.10
CA ARG B 49 -16.78 27.29 -13.09
C ARG B 49 -15.38 26.78 -13.38
N ILE B 50 -15.02 26.69 -14.66
CA ILE B 50 -13.78 26.07 -15.14
C ILE B 50 -12.96 27.09 -15.90
N SER B 51 -11.76 27.42 -15.41
CA SER B 51 -10.86 28.30 -16.13
C SER B 51 -10.42 27.66 -17.44
N GLY B 52 -10.04 28.51 -18.40
CA GLY B 52 -9.64 28.01 -19.70
C GLY B 52 -8.30 27.33 -19.73
N LEU B 53 -7.50 27.46 -18.67
CA LEU B 53 -6.21 26.81 -18.58
C LEU B 53 -6.28 25.46 -17.89
N ILE B 54 -7.48 25.06 -17.44
CA ILE B 54 -7.63 23.77 -16.77
C ILE B 54 -7.46 22.63 -17.75
N TYR B 55 -7.94 22.79 -18.98
CA TYR B 55 -8.02 21.67 -19.92
C TYR B 55 -6.65 21.09 -20.22
N GLU B 56 -5.67 21.95 -20.50
CA GLU B 56 -4.34 21.46 -20.80
C GLU B 56 -3.71 20.77 -19.59
N GLU B 57 -3.93 21.32 -18.40
CA GLU B 57 -3.43 20.69 -17.19
C GLU B 57 -4.00 19.30 -17.00
N THR B 58 -5.32 19.16 -17.20
CA THR B 58 -5.94 17.85 -17.03
C THR B 58 -5.50 16.87 -18.11
N ARG B 59 -5.29 17.35 -19.33
CA ARG B 59 -4.78 16.46 -20.37
C ARG B 59 -3.39 15.95 -20.01
N GLY B 60 -2.53 16.82 -19.52
CA GLY B 60 -1.21 16.37 -19.09
C GLY B 60 -1.27 15.38 -17.93
N VAL B 61 -2.15 15.66 -16.96
CA VAL B 61 -2.27 14.78 -15.80
C VAL B 61 -2.75 13.39 -16.23
N LEU B 62 -3.79 13.36 -17.08
CA LEU B 62 -4.29 12.08 -17.56
C LEU B 62 -3.24 11.33 -18.36
N LYS B 63 -2.46 12.06 -19.17
CA LYS B 63 -1.40 11.42 -19.93
C LYS B 63 -0.36 10.78 -19.02
N VAL B 64 0.05 11.47 -17.96
CA VAL B 64 1.03 10.90 -17.04
C VAL B 64 0.46 9.64 -16.37
N PHE B 65 -0.78 9.73 -15.90
CA PHE B 65 -1.39 8.58 -15.22
C PHE B 65 -1.48 7.38 -16.14
N LEU B 66 -1.98 7.59 -17.36
CA LEU B 66 -2.10 6.49 -18.32
C LEU B 66 -0.73 5.94 -18.69
N GLU B 67 0.28 6.80 -18.81
CA GLU B 67 1.61 6.32 -19.15
C GLU B 67 2.13 5.37 -18.09
N ASN B 68 1.98 5.74 -16.82
CA ASN B 68 2.43 4.87 -15.75
C ASN B 68 1.68 3.53 -15.78
N VAL B 69 0.35 3.59 -15.88
CA VAL B 69 -0.44 2.36 -15.83
C VAL B 69 -0.13 1.45 -17.01
N ILE B 70 -0.02 2.03 -18.21
CA ILE B 70 0.27 1.23 -19.39
C ILE B 70 1.68 0.65 -19.32
N ARG B 71 2.63 1.38 -18.76
CA ARG B 71 3.97 0.83 -18.56
C ARG B 71 3.92 -0.43 -17.70
N ASP B 72 3.24 -0.35 -16.56
CA ASP B 72 3.16 -1.53 -15.68
C ASP B 72 2.43 -2.69 -16.34
N ALA B 73 1.32 -2.40 -17.04
CA ALA B 73 0.57 -3.46 -17.71
C ALA B 73 1.40 -4.11 -18.80
N VAL B 74 2.16 -3.31 -19.54
CA VAL B 74 3.00 -3.85 -20.60
C VAL B 74 4.10 -4.73 -20.01
N THR B 75 4.66 -4.33 -18.87
CA THR B 75 5.64 -5.18 -18.22
C THR B 75 5.04 -6.53 -17.82
N TYR B 76 3.83 -6.50 -17.25
CA TYR B 76 3.17 -7.75 -16.88
C TYR B 76 2.94 -8.63 -18.11
N THR B 77 2.47 -8.04 -19.20
CA THR B 77 2.21 -8.80 -20.42
C THR B 77 3.51 -9.38 -20.99
N GLU B 78 4.57 -8.58 -20.99
CA GLU B 78 5.87 -9.00 -21.51
C GLU B 78 6.43 -10.17 -20.73
N HIS B 79 6.28 -10.17 -19.40
CA HIS B 79 6.72 -11.31 -18.60
C HIS B 79 5.95 -12.57 -18.96
N ALA B 80 4.64 -12.46 -19.14
CA ALA B 80 3.82 -13.62 -19.48
C ALA B 80 4.10 -14.18 -20.86
N LYS B 81 5.00 -13.57 -21.63
CA LYS B 81 5.39 -14.06 -22.95
C LYS B 81 4.20 -14.02 -23.93
N ARG B 82 3.45 -12.93 -23.90
CA ARG B 82 2.28 -12.74 -24.75
C ARG B 82 2.45 -11.47 -25.59
N LYS B 83 1.46 -11.23 -26.43
CA LYS B 83 1.40 -10.03 -27.25
C LYS B 83 0.15 -9.20 -27.01
N THR B 84 -0.77 -9.67 -26.18
CA THR B 84 -2.05 -9.04 -25.92
C THR B 84 -2.12 -8.56 -24.47
N VAL B 85 -2.38 -7.27 -24.21
CA VAL B 85 -2.63 -6.83 -22.84
C VAL B 85 -4.07 -7.18 -22.49
N THR B 86 -4.25 -7.96 -21.45
CA THR B 86 -5.57 -8.39 -21.04
C THR B 86 -6.13 -7.46 -19.98
N ALA B 87 -7.36 -7.72 -19.55
CA ALA B 87 -7.94 -6.93 -18.47
C ALA B 87 -7.29 -7.24 -17.14
N MET B 88 -6.87 -8.49 -16.94
CA MET B 88 -6.21 -8.86 -15.70
C MET B 88 -4.86 -8.17 -15.54
N ASP B 89 -4.14 -7.98 -16.65
CA ASP B 89 -2.87 -7.25 -16.57
C ASP B 89 -3.09 -5.82 -16.13
N VAL B 90 -4.11 -5.17 -16.68
CA VAL B 90 -4.41 -3.79 -16.28
C VAL B 90 -4.89 -3.73 -14.84
N VAL B 91 -5.66 -4.74 -14.41
CA VAL B 91 -6.11 -4.78 -13.02
C VAL B 91 -4.92 -4.92 -12.08
N TYR B 92 -3.95 -5.77 -12.42
CA TYR B 92 -2.76 -5.89 -11.58
C TYR B 92 -1.92 -4.63 -11.61
N ALA B 93 -1.83 -3.97 -12.77
CA ALA B 93 -1.09 -2.71 -12.84
C ALA B 93 -1.73 -1.65 -11.96
N LEU B 94 -3.06 -1.58 -11.96
CA LEU B 94 -3.76 -0.64 -11.09
C LEU B 94 -3.58 -1.00 -9.62
N LYS B 95 -3.62 -2.29 -9.30
CA LYS B 95 -3.46 -2.72 -7.91
C LYS B 95 -2.07 -2.39 -7.39
N ARG B 96 -1.05 -2.57 -8.22
CA ARG B 96 0.31 -2.24 -7.80
C ARG B 96 0.44 -0.75 -7.53
N GLN B 97 -0.32 0.07 -8.25
CA GLN B 97 -0.42 1.50 -7.99
C GLN B 97 -1.30 1.83 -6.80
N GLY B 98 -1.98 0.84 -6.22
CA GLY B 98 -2.88 1.10 -5.12
C GLY B 98 -4.24 1.61 -5.54
N ARG B 99 -4.72 1.28 -6.74
CA ARG B 99 -6.01 1.71 -7.29
C ARG B 99 -6.87 0.51 -7.65
N THR B 100 -7.12 -0.40 -6.71
CA THR B 100 -7.87 -1.63 -6.96
C THR B 100 -9.15 -1.36 -7.74
N LEU B 101 -9.40 -2.21 -8.74
CA LEU B 101 -10.56 -2.10 -9.61
C LEU B 101 -11.38 -3.37 -9.51
N TYR B 102 -12.70 -3.21 -9.46
CA TYR B 102 -13.63 -4.33 -9.36
C TYR B 102 -14.43 -4.44 -10.65
N GLY B 103 -14.58 -5.68 -11.13
CA GLY B 103 -15.47 -5.90 -12.25
C GLY B 103 -14.81 -6.47 -13.49
N PHE B 104 -13.55 -6.88 -13.38
CA PHE B 104 -12.85 -7.46 -14.52
C PHE B 104 -12.04 -8.69 -14.14
N GLY B 105 -12.50 -9.48 -13.17
CA GLY B 105 -12.03 -10.86 -12.90
C GLY B 105 -12.35 -11.88 -14.00
N THR C 20 32.32 -20.62 -1.79
CA THR C 20 30.96 -20.12 -1.60
C THR C 20 30.33 -19.79 -2.95
N ARG C 21 29.07 -19.37 -2.93
CA ARG C 21 28.39 -18.95 -4.14
C ARG C 21 28.50 -17.45 -4.38
N SER C 22 28.76 -16.66 -3.34
CA SER C 22 29.03 -15.24 -3.53
C SER C 22 30.29 -15.05 -4.34
N SER C 23 31.35 -15.78 -4.00
CA SER C 23 32.61 -15.65 -4.75
C SER C 23 32.43 -16.14 -6.18
N ARG C 24 31.66 -17.21 -6.37
CA ARG C 24 31.40 -17.69 -7.72
C ARG C 24 30.67 -16.65 -8.54
N ALA C 25 29.68 -15.98 -7.95
CA ALA C 25 28.99 -14.89 -8.63
C ALA C 25 29.76 -13.58 -8.56
N GLY C 26 30.75 -13.48 -7.67
CA GLY C 26 31.53 -12.27 -7.56
C GLY C 26 30.89 -11.17 -6.76
N LEU C 27 30.06 -11.52 -5.78
CA LEU C 27 29.31 -10.56 -4.99
C LEU C 27 29.89 -10.46 -3.59
N GLN C 28 29.43 -9.44 -2.87
CA GLN C 28 29.73 -9.29 -1.45
C GLN C 28 28.53 -9.57 -0.58
N PHE C 29 27.37 -9.86 -1.17
CA PHE C 29 26.19 -10.25 -0.42
C PHE C 29 26.00 -11.75 -0.47
N PRO C 30 25.50 -12.38 0.60
CA PRO C 30 25.45 -13.84 0.64
C PRO C 30 24.37 -14.38 -0.28
N VAL C 31 24.73 -15.40 -1.06
CA VAL C 31 23.74 -16.08 -1.88
C VAL C 31 23.13 -17.27 -1.14
N GLY C 32 23.88 -17.90 -0.24
CA GLY C 32 23.31 -18.97 0.57
C GLY C 32 22.19 -18.48 1.47
N ARG C 33 22.42 -17.34 2.14
CA ARG C 33 21.39 -16.79 3.01
C ARG C 33 20.18 -16.32 2.22
N VAL C 34 20.41 -15.69 1.07
CA VAL C 34 19.28 -15.23 0.26
C VAL C 34 18.48 -16.40 -0.28
N HIS C 35 19.15 -17.49 -0.65
CA HIS C 35 18.43 -18.69 -1.07
C HIS C 35 17.63 -19.28 0.08
N ARG C 36 18.24 -19.35 1.27
CA ARG C 36 17.54 -19.86 2.44
C ARG C 36 16.31 -19.01 2.75
N LEU C 37 16.42 -17.70 2.56
CA LEU C 37 15.30 -16.81 2.87
C LEU C 37 14.22 -16.87 1.81
N LEU C 38 14.59 -17.03 0.54
CA LEU C 38 13.61 -17.23 -0.51
C LEU C 38 12.91 -18.58 -0.39
N ARG C 39 13.55 -19.56 0.26
CA ARG C 39 12.95 -20.87 0.45
C ARG C 39 12.06 -20.93 1.69
N LYS C 40 12.55 -20.43 2.82
CA LYS C 40 11.81 -20.46 4.07
C LYS C 40 10.78 -19.35 4.19
N GLY C 41 10.71 -18.45 3.22
CA GLY C 41 9.81 -17.33 3.26
C GLY C 41 8.44 -17.58 2.70
N ASN C 42 8.11 -18.82 2.39
CA ASN C 42 6.87 -19.22 1.71
C ASN C 42 6.51 -18.23 0.60
N TYR C 43 7.40 -18.13 -0.37
CA TYR C 43 7.19 -17.34 -1.57
C TYR C 43 6.78 -18.19 -2.77
N SER C 44 7.29 -19.42 -2.86
CA SER C 44 6.88 -20.34 -3.91
C SER C 44 7.21 -21.76 -3.46
N GLU C 45 6.62 -22.72 -4.17
CA GLU C 45 6.83 -24.14 -3.86
C GLU C 45 8.26 -24.57 -4.09
N ARG C 46 8.99 -23.88 -4.95
CA ARG C 46 10.39 -24.20 -5.21
C ARG C 46 11.07 -22.99 -5.81
N VAL C 47 12.38 -22.87 -5.57
CA VAL C 47 13.17 -21.70 -5.94
C VAL C 47 14.31 -22.14 -6.84
N GLY C 48 14.52 -21.42 -7.93
CA GLY C 48 15.59 -21.73 -8.84
C GLY C 48 16.96 -21.39 -8.27
N ALA C 49 18.00 -21.79 -9.00
CA ALA C 49 19.37 -21.55 -8.60
C ALA C 49 19.90 -20.20 -9.03
N GLY C 50 19.17 -19.47 -9.87
CA GLY C 50 19.56 -18.15 -10.31
C GLY C 50 18.80 -17.01 -9.67
N ALA C 51 17.81 -17.30 -8.83
CA ALA C 51 17.05 -16.26 -8.17
C ALA C 51 17.82 -15.66 -6.98
N PRO C 52 18.40 -16.47 -6.09
CA PRO C 52 19.21 -15.86 -5.01
C PRO C 52 20.36 -15.03 -5.53
N VAL C 53 21.00 -15.46 -6.62
CA VAL C 53 22.13 -14.71 -7.17
C VAL C 53 21.67 -13.36 -7.69
N TYR C 54 20.60 -13.35 -8.48
CA TYR C 54 20.10 -12.10 -9.04
C TYR C 54 19.64 -11.15 -7.94
N LEU C 55 18.91 -11.67 -6.96
CA LEU C 55 18.41 -10.82 -5.88
C LEU C 55 19.56 -10.29 -5.03
N ALA C 56 20.58 -11.12 -4.77
CA ALA C 56 21.74 -10.65 -4.02
C ALA C 56 22.48 -9.55 -4.78
N ALA C 57 22.61 -9.70 -6.09
CA ALA C 57 23.26 -8.66 -6.88
C ALA C 57 22.48 -7.35 -6.82
N VAL C 58 21.16 -7.42 -6.93
CA VAL C 58 20.35 -6.20 -6.88
C VAL C 58 20.46 -5.54 -5.51
N LEU C 59 20.39 -6.34 -4.44
CA LEU C 59 20.52 -5.78 -3.10
C LEU C 59 21.88 -5.13 -2.90
N GLU C 60 22.95 -5.78 -3.38
CA GLU C 60 24.27 -5.19 -3.26
C GLU C 60 24.38 -3.90 -4.03
N TYR C 61 23.83 -3.85 -5.24
CA TYR C 61 23.90 -2.61 -6.02
C TYR C 61 23.19 -1.47 -5.32
N LEU C 62 21.98 -1.73 -4.81
CA LEU C 62 21.25 -0.66 -4.13
C LEU C 62 21.97 -0.19 -2.87
N THR C 63 22.51 -1.15 -2.09
CA THR C 63 23.27 -0.77 -0.90
C THR C 63 24.51 0.05 -1.26
N ALA C 64 25.21 -0.34 -2.32
CA ALA C 64 26.39 0.40 -2.75
C ALA C 64 26.02 1.81 -3.20
N GLU C 65 24.89 1.95 -3.91
CA GLU C 65 24.45 3.28 -4.33
C GLU C 65 24.17 4.16 -3.12
N ILE C 66 23.41 3.65 -2.15
CA ILE C 66 23.09 4.43 -0.97
C ILE C 66 24.35 4.81 -0.22
N LEU C 67 25.27 3.86 -0.03
CA LEU C 67 26.48 4.12 0.72
C LEU C 67 27.38 5.12 0.00
N GLU C 68 27.51 5.00 -1.33
CA GLU C 68 28.29 5.96 -2.09
C GLU C 68 27.75 7.37 -1.91
N LEU C 69 26.44 7.54 -2.10
CA LEU C 69 25.87 8.88 -1.98
C LEU C 69 25.98 9.41 -0.56
N ALA C 70 25.78 8.57 0.44
CA ALA C 70 25.88 9.01 1.82
C ALA C 70 27.31 9.40 2.20
N GLY C 71 28.30 8.64 1.72
CA GLY C 71 29.67 9.02 1.97
C GLY C 71 30.05 10.30 1.26
N ASN C 72 29.52 10.50 0.05
CA ASN C 72 29.75 11.77 -0.65
C ASN C 72 29.13 12.92 0.13
N ALA C 73 27.94 12.73 0.69
CA ALA C 73 27.33 13.77 1.51
C ALA C 73 28.16 14.04 2.76
N ALA C 74 28.73 13.00 3.36
CA ALA C 74 29.59 13.18 4.53
C ALA C 74 30.88 13.91 4.17
N ARG C 75 31.43 13.63 2.99
CA ARG C 75 32.60 14.36 2.51
C ARG C 75 32.28 15.82 2.29
N ASP C 76 31.09 16.13 1.76
CA ASP C 76 30.63 17.50 1.64
C ASP C 76 30.24 18.11 2.97
N ASN C 77 30.44 17.40 4.08
CA ASN C 77 30.12 17.91 5.41
C ASN C 77 31.31 17.76 6.36
N LYS C 78 32.50 17.45 5.81
CA LYS C 78 33.79 17.22 6.49
C LYS C 78 33.68 16.25 7.67
N LYS C 79 32.92 15.16 7.49
CA LYS C 79 32.77 14.09 8.45
C LYS C 79 33.31 12.80 7.85
N THR C 80 33.83 11.93 8.71
CA THR C 80 34.46 10.68 8.27
C THR C 80 33.65 9.47 8.76
N ARG C 81 32.35 9.64 8.97
CA ARG C 81 31.42 8.62 9.44
C ARG C 81 30.08 8.82 8.73
N ILE C 82 29.44 7.78 8.22
CA ILE C 82 28.08 7.86 7.69
C ILE C 82 27.11 7.74 8.85
N ILE C 83 26.26 8.75 9.03
CA ILE C 83 25.27 8.77 10.10
C ILE C 83 23.91 9.00 9.46
N PRO C 84 22.80 8.75 10.19
CA PRO C 84 21.48 8.79 9.55
C PRO C 84 21.17 10.09 8.83
N ARG C 85 21.71 11.21 9.29
CA ARG C 85 21.51 12.47 8.58
C ARG C 85 22.08 12.39 7.17
N HIS C 86 23.28 11.81 7.02
CA HIS C 86 23.86 11.65 5.70
C HIS C 86 23.04 10.71 4.83
N LEU C 87 22.47 9.66 5.43
CA LEU C 87 21.63 8.75 4.66
C LEU C 87 20.39 9.46 4.13
N GLN C 88 19.76 10.30 4.95
CA GLN C 88 18.57 10.99 4.46
C GLN C 88 18.93 12.11 3.49
N LEU C 89 20.09 12.76 3.66
CA LEU C 89 20.54 13.69 2.62
C LEU C 89 20.75 12.97 1.29
N ALA C 90 21.35 11.79 1.33
CA ALA C 90 21.58 11.04 0.10
C ALA C 90 20.26 10.60 -0.52
N ILE C 91 19.29 10.23 0.29
CA ILE C 91 18.04 9.69 -0.24
C ILE C 91 17.15 10.81 -0.78
N ARG C 92 16.89 11.84 0.04
CA ARG C 92 15.94 12.87 -0.36
C ARG C 92 16.43 13.73 -1.51
N ASN C 93 17.75 13.84 -1.69
CA ASN C 93 18.32 14.63 -2.76
C ASN C 93 18.52 13.85 -4.05
N ASP C 94 17.79 12.75 -4.23
CA ASP C 94 17.85 11.95 -5.45
C ASP C 94 16.42 11.61 -5.83
N GLU C 95 15.95 11.98 -7.02
CA GLU C 95 14.51 11.79 -7.33
C GLU C 95 14.16 10.32 -7.49
N GLU C 96 14.93 9.51 -8.23
CA GLU C 96 14.68 8.07 -8.32
C GLU C 96 14.74 7.44 -6.93
N LEU C 97 15.80 7.74 -6.19
CA LEU C 97 16.06 7.10 -4.91
C LEU C 97 15.07 7.54 -3.83
N ASN C 98 14.42 8.69 -4.00
CA ASN C 98 13.39 9.14 -3.08
C ASN C 98 12.00 8.67 -3.49
N LYS C 99 11.78 8.43 -4.78
CA LYS C 99 10.52 7.81 -5.20
C LYS C 99 10.42 6.38 -4.65
N LEU C 100 11.56 5.72 -4.43
CA LEU C 100 11.56 4.38 -3.85
C LEU C 100 11.22 4.41 -2.37
N LEU C 101 11.67 5.44 -1.67
CA LEU C 101 11.59 5.52 -0.21
C LEU C 101 10.79 6.73 0.24
N GLY C 102 9.72 7.05 -0.48
CA GLY C 102 8.90 8.19 -0.11
C GLY C 102 8.04 7.94 1.11
N ARG C 103 7.57 6.71 1.30
CA ARG C 103 6.75 6.36 2.43
C ARG C 103 7.56 5.85 3.60
N VAL C 104 8.85 6.17 3.65
CA VAL C 104 9.77 5.68 4.67
C VAL C 104 10.29 6.85 5.46
N THR C 105 10.11 6.78 6.78
CA THR C 105 10.76 7.70 7.71
C THR C 105 12.03 7.05 8.25
N ILE C 106 12.94 7.89 8.74
CA ILE C 106 14.26 7.46 9.17
C ILE C 106 14.55 8.05 10.54
N ALA C 107 14.94 7.20 11.48
CA ALA C 107 15.30 7.68 12.81
C ALA C 107 16.54 8.54 12.74
N GLN C 108 16.52 9.67 13.47
CA GLN C 108 17.61 10.62 13.51
C GLN C 108 17.91 11.23 12.14
N GLY C 109 16.96 11.17 11.22
CA GLY C 109 17.22 11.57 9.85
C GLY C 109 17.05 13.06 9.57
N GLY C 110 16.11 13.69 10.26
CA GLY C 110 15.91 15.12 10.08
C GLY C 110 15.27 15.47 8.74
N VAL C 111 15.24 16.77 8.47
CA VAL C 111 14.66 17.29 7.23
C VAL C 111 15.71 18.04 6.43
N ARG D 37 22.89 -15.81 18.25
CA ARG D 37 22.83 -16.13 16.83
C ARG D 37 21.67 -15.38 16.17
N LYS D 38 21.96 -14.23 15.58
CA LYS D 38 20.98 -13.42 14.88
C LYS D 38 21.52 -13.03 13.52
N GLU D 39 20.73 -13.26 12.48
CA GLU D 39 21.16 -12.95 11.12
C GLU D 39 21.07 -11.45 10.87
N SER D 40 22.07 -10.93 10.17
CA SER D 40 22.08 -9.51 9.82
C SER D 40 23.01 -9.32 8.63
N TYR D 41 22.84 -8.19 7.95
CA TYR D 41 23.62 -7.86 6.78
C TYR D 41 24.74 -6.87 7.08
N SER D 42 25.15 -6.77 8.35
CA SER D 42 26.12 -5.74 8.72
C SER D 42 27.49 -5.98 8.08
N ILE D 43 27.96 -7.22 8.07
CA ILE D 43 29.30 -7.48 7.55
C ILE D 43 29.36 -7.21 6.05
N TYR D 44 28.32 -7.60 5.31
CA TYR D 44 28.31 -7.36 3.87
C TYR D 44 28.21 -5.88 3.55
N VAL D 45 27.38 -5.15 4.30
CA VAL D 45 27.29 -3.71 4.11
C VAL D 45 28.62 -3.05 4.41
N TYR D 46 29.32 -3.52 5.44
CA TYR D 46 30.64 -2.99 5.75
C TYR D 46 31.64 -3.28 4.64
N LYS D 47 31.58 -4.48 4.05
CA LYS D 47 32.47 -4.79 2.94
C LYS D 47 32.18 -3.87 1.75
N VAL D 48 30.91 -3.65 1.45
CA VAL D 48 30.54 -2.74 0.36
C VAL D 48 31.04 -1.34 0.64
N LEU D 49 30.87 -0.87 1.89
CA LEU D 49 31.30 0.48 2.25
C LEU D 49 32.80 0.64 2.12
N LYS D 50 33.57 -0.29 2.68
CA LYS D 50 35.01 -0.22 2.57
C LYS D 50 35.49 -0.46 1.15
N GLN D 51 34.63 -0.98 0.28
CA GLN D 51 34.95 -1.00 -1.14
C GLN D 51 34.78 0.39 -1.76
N VAL D 52 33.59 0.96 -1.64
CA VAL D 52 33.32 2.25 -2.28
C VAL D 52 34.09 3.38 -1.59
N HIS D 53 34.10 3.38 -0.25
CA HIS D 53 34.84 4.38 0.52
C HIS D 53 35.75 3.68 1.52
N PRO D 54 36.99 3.40 1.13
CA PRO D 54 37.90 2.68 2.05
C PRO D 54 38.23 3.44 3.31
N ASP D 55 38.06 4.76 3.32
CA ASP D 55 38.45 5.58 4.46
C ASP D 55 37.27 6.11 5.27
N THR D 56 36.04 5.75 4.92
CA THR D 56 34.85 6.27 5.58
C THR D 56 34.25 5.19 6.46
N GLY D 57 34.04 5.52 7.73
CA GLY D 57 33.36 4.63 8.65
C GLY D 57 31.86 4.76 8.52
N ILE D 58 31.15 4.14 9.46
CA ILE D 58 29.70 4.19 9.48
C ILE D 58 29.23 4.00 10.91
N SER D 59 28.26 4.81 11.32
CA SER D 59 27.72 4.72 12.66
C SER D 59 26.87 3.47 12.83
N SER D 60 26.70 3.06 14.08
CA SER D 60 25.87 1.88 14.36
C SER D 60 24.42 2.11 13.97
N LYS D 61 23.87 3.30 14.20
CA LYS D 61 22.50 3.65 13.84
C LYS D 61 22.35 3.67 12.33
N ALA D 62 23.40 4.06 11.60
CA ALA D 62 23.38 3.97 10.14
C ALA D 62 23.40 2.51 9.69
N MET D 63 24.13 1.65 10.40
CA MET D 63 24.08 0.22 10.09
C MET D 63 22.69 -0.34 10.32
N GLY D 64 22.03 0.05 11.41
CA GLY D 64 20.67 -0.42 11.63
C GLY D 64 19.72 0.03 10.54
N ILE D 65 19.84 1.29 10.12
CA ILE D 65 18.99 1.80 9.04
C ILE D 65 19.26 1.08 7.73
N MET D 66 20.53 0.82 7.42
CA MET D 66 20.85 0.13 6.19
C MET D 66 20.40 -1.33 6.23
N ASN D 67 20.48 -1.98 7.39
CA ASN D 67 20.01 -3.35 7.64
C ASN D 67 18.48 -3.40 7.45
N SER D 68 17.73 -2.40 7.91
CA SER D 68 16.30 -2.32 7.67
C SER D 68 16.00 -2.09 6.20
N PHE D 69 16.80 -1.25 5.54
CA PHE D 69 16.62 -1.00 4.12
C PHE D 69 16.81 -2.27 3.30
N VAL D 70 17.86 -3.05 3.58
CA VAL D 70 18.13 -4.29 2.86
C VAL D 70 17.02 -5.28 3.08
N ASN D 71 16.56 -5.47 4.31
CA ASN D 71 15.45 -6.39 4.57
C ASN D 71 14.19 -5.94 3.85
N ASP D 72 13.90 -4.65 3.88
CA ASP D 72 12.70 -4.12 3.23
C ASP D 72 12.73 -4.37 1.73
N ILE D 73 13.86 -4.06 1.09
CA ILE D 73 13.95 -4.19 -0.36
C ILE D 73 13.92 -5.66 -0.76
N PHE D 74 14.59 -6.53 0.00
CA PHE D 74 14.55 -7.95 -0.29
C PHE D 74 13.12 -8.48 -0.21
N GLU D 75 12.39 -8.08 0.85
CA GLU D 75 11.02 -8.56 1.00
C GLU D 75 10.12 -8.05 -0.12
N ARG D 76 10.27 -6.78 -0.50
CA ARG D 76 9.42 -6.25 -1.57
C ARG D 76 9.67 -6.96 -2.88
N ILE D 77 10.95 -7.15 -3.24
CA ILE D 77 11.25 -7.84 -4.49
C ILE D 77 10.78 -9.28 -4.45
N ALA D 78 10.99 -9.96 -3.32
CA ALA D 78 10.57 -11.36 -3.22
C ALA D 78 9.06 -11.49 -3.31
N SER D 79 8.31 -10.63 -2.63
CA SER D 79 6.86 -10.70 -2.71
C SER D 79 6.35 -10.41 -4.11
N GLU D 80 6.92 -9.40 -4.77
CA GLU D 80 6.47 -9.07 -6.12
C GLU D 80 6.76 -10.23 -7.07
N ALA D 81 7.93 -10.85 -6.93
CA ALA D 81 8.26 -12.00 -7.78
C ALA D 81 7.39 -13.20 -7.46
N SER D 82 7.00 -13.39 -6.20
CA SER D 82 6.07 -14.46 -5.85
C SER D 82 4.72 -14.24 -6.50
N ARG D 83 4.24 -13.00 -6.52
CA ARG D 83 3.00 -12.69 -7.24
C ARG D 83 3.14 -12.94 -8.72
N LEU D 84 4.29 -12.56 -9.31
CA LEU D 84 4.54 -12.83 -10.72
C LEU D 84 4.49 -14.33 -11.01
N ALA D 85 5.08 -15.14 -10.13
CA ALA D 85 5.06 -16.59 -10.33
C ALA D 85 3.65 -17.15 -10.22
N HIS D 86 2.89 -16.69 -9.22
CA HIS D 86 1.54 -17.22 -9.01
C HIS D 86 0.59 -16.82 -10.13
N TYR D 87 0.71 -15.57 -10.61
CA TYR D 87 -0.22 -15.07 -11.63
C TYR D 87 -0.12 -15.86 -12.93
N ASN D 88 1.01 -16.49 -13.19
CA ASN D 88 1.23 -17.29 -14.39
C ASN D 88 1.14 -18.78 -14.13
N LYS D 89 0.68 -19.18 -12.94
CA LYS D 89 0.52 -20.56 -12.49
C LYS D 89 1.86 -21.29 -12.34
N ARG D 90 2.98 -20.61 -12.55
CA ARG D 90 4.28 -21.23 -12.31
C ARG D 90 4.49 -21.49 -10.84
N SER D 91 5.33 -22.48 -10.53
CA SER D 91 5.63 -22.83 -9.15
C SER D 91 7.03 -22.42 -8.72
N THR D 92 7.89 -22.01 -9.64
CA THR D 92 9.29 -21.71 -9.35
C THR D 92 9.55 -20.22 -9.52
N ILE D 93 10.30 -19.65 -8.57
CA ILE D 93 10.80 -18.28 -8.68
C ILE D 93 12.17 -18.36 -9.36
N THR D 94 12.21 -18.07 -10.65
CA THR D 94 13.45 -18.11 -11.41
C THR D 94 14.12 -16.74 -11.36
N SER D 95 15.16 -16.56 -12.18
CA SER D 95 15.78 -15.25 -12.30
C SER D 95 14.89 -14.28 -13.08
N ARG D 96 14.01 -14.78 -13.95
CA ARG D 96 13.11 -13.97 -14.77
C ARG D 96 12.02 -13.30 -13.92
N GLU D 97 11.55 -13.95 -12.86
CA GLU D 97 10.61 -13.31 -11.95
C GLU D 97 11.28 -12.20 -11.15
N VAL D 98 12.50 -12.43 -10.69
CA VAL D 98 13.22 -11.40 -9.94
C VAL D 98 13.54 -10.21 -10.84
N GLN D 99 13.91 -10.48 -12.09
CA GLN D 99 14.18 -9.39 -13.02
C GLN D 99 12.94 -8.55 -13.25
N THR D 100 11.78 -9.19 -13.44
CA THR D 100 10.55 -8.45 -13.64
C THR D 100 10.14 -7.68 -12.39
N ALA D 101 10.34 -8.27 -11.21
CA ALA D 101 10.05 -7.57 -9.97
C ALA D 101 10.93 -6.33 -9.82
N VAL D 102 12.22 -6.45 -10.16
CA VAL D 102 13.11 -5.30 -10.12
C VAL D 102 12.64 -4.23 -11.12
N ARG D 103 12.27 -4.65 -12.31
CA ARG D 103 11.82 -3.69 -13.32
C ARG D 103 10.55 -2.97 -12.91
N LEU D 104 9.70 -3.62 -12.11
CA LEU D 104 8.47 -2.98 -11.67
C LEU D 104 8.67 -2.11 -10.43
N LEU D 105 9.57 -2.49 -9.52
CA LEU D 105 9.64 -1.85 -8.22
C LEU D 105 10.56 -0.64 -8.18
N LEU D 106 11.55 -0.56 -9.06
CA LEU D 106 12.51 0.53 -8.97
C LEU D 106 12.36 1.49 -10.15
N PRO D 107 12.55 2.79 -9.94
CA PRO D 107 12.42 3.76 -11.03
C PRO D 107 13.47 3.55 -12.11
N GLY D 108 13.32 4.31 -13.20
CA GLY D 108 13.95 4.02 -14.48
C GLY D 108 15.42 3.67 -14.51
N GLU D 109 16.28 4.65 -14.22
CA GLU D 109 17.72 4.40 -14.26
C GLU D 109 18.15 3.42 -13.19
N LEU D 110 17.53 3.51 -12.00
CA LEU D 110 17.82 2.55 -10.94
C LEU D 110 17.49 1.14 -11.39
N ALA D 111 16.33 0.95 -12.01
CA ALA D 111 15.95 -0.35 -12.52
C ALA D 111 16.92 -0.83 -13.60
N LYS D 112 17.32 0.07 -14.49
CA LYS D 112 18.22 -0.30 -15.58
C LYS D 112 19.56 -0.82 -15.03
N HIS D 113 20.15 -0.06 -14.11
CA HIS D 113 21.44 -0.47 -13.56
C HIS D 113 21.31 -1.72 -12.69
N ALA D 114 20.21 -1.85 -11.96
CA ALA D 114 20.01 -3.05 -11.16
C ALA D 114 19.87 -4.28 -12.03
N VAL D 115 19.13 -4.17 -13.15
CA VAL D 115 18.99 -5.31 -14.06
C VAL D 115 20.34 -5.66 -14.68
N SER D 116 21.12 -4.66 -15.07
CA SER D 116 22.45 -4.95 -15.63
C SER D 116 23.32 -5.67 -14.61
N GLU D 117 23.33 -5.19 -13.36
CA GLU D 117 24.15 -5.81 -12.33
C GLU D 117 23.70 -7.24 -12.05
N GLY D 118 22.39 -7.48 -11.97
CA GLY D 118 21.90 -8.82 -11.71
C GLY D 118 22.21 -9.78 -12.84
N THR D 119 22.05 -9.33 -14.09
CA THR D 119 22.40 -10.18 -15.22
C THR D 119 23.89 -10.49 -15.22
N LYS D 120 24.73 -9.50 -14.91
CA LYS D 120 26.16 -9.75 -14.83
C LYS D 120 26.49 -10.80 -13.77
N ALA D 121 25.88 -10.69 -12.59
CA ALA D 121 26.16 -11.64 -11.53
C ALA D 121 25.69 -13.05 -11.90
N VAL D 122 24.51 -13.17 -12.49
CA VAL D 122 24.01 -14.48 -12.89
C VAL D 122 24.91 -15.10 -13.94
N THR D 123 25.33 -14.31 -14.93
CA THR D 123 26.21 -14.83 -15.98
C THR D 123 27.55 -15.26 -15.42
N LYS D 124 28.13 -14.47 -14.51
CA LYS D 124 29.40 -14.87 -13.91
C LYS D 124 29.24 -16.13 -13.08
N TYR D 125 28.11 -16.27 -12.38
CA TYR D 125 27.88 -17.46 -11.57
C TYR D 125 27.74 -18.70 -12.44
N THR D 126 26.90 -18.64 -13.46
CA THR D 126 26.65 -19.84 -14.27
C THR D 126 27.78 -20.13 -15.25
N SER D 127 28.65 -19.16 -15.52
CA SER D 127 29.80 -19.40 -16.38
C SER D 127 30.90 -20.20 -15.67
N SER D 128 30.81 -20.35 -14.35
CA SER D 128 31.76 -21.15 -13.61
C SER D 128 31.28 -22.58 -13.49
N LYS E 60 17.72 21.84 9.51
CA LYS E 60 19.16 21.61 9.49
C LYS E 60 19.57 20.66 10.60
N SER E 61 18.74 20.56 11.62
CA SER E 61 18.98 19.66 12.74
C SER E 61 18.31 18.32 12.49
N SER E 62 18.63 17.34 13.35
CA SER E 62 18.08 16.00 13.21
C SER E 62 17.75 15.38 14.56
N GLU E 63 17.34 16.20 15.53
CA GLU E 63 17.04 15.74 16.88
C GLU E 63 15.54 15.49 17.04
N LEU E 64 15.11 15.24 18.28
CA LEU E 64 13.71 15.06 18.61
C LEU E 64 13.16 16.32 19.26
N LEU E 65 11.94 16.73 18.91
CA LEU E 65 11.37 18.05 19.25
C LEU E 65 10.40 18.03 20.42
N ILE E 66 9.73 16.90 20.71
CA ILE E 66 8.85 16.81 21.86
C ILE E 66 9.64 16.24 23.03
N ARG E 67 9.23 16.59 24.24
CA ARG E 67 9.90 16.08 25.42
C ARG E 67 9.57 14.60 25.62
N LYS E 68 10.53 13.86 26.18
CA LYS E 68 10.45 12.40 26.30
C LYS E 68 9.40 11.97 27.33
N LEU E 69 9.29 12.65 28.45
CA LEU E 69 8.41 12.18 29.52
C LEU E 69 6.94 12.53 29.25
N PRO E 70 6.61 13.74 28.80
CA PRO E 70 5.21 13.98 28.39
C PRO E 70 4.73 13.03 27.31
N PHE E 71 5.58 12.71 26.33
CA PHE E 71 5.17 11.80 25.27
C PHE E 71 4.99 10.38 25.81
N GLN E 72 5.89 9.94 26.69
CA GLN E 72 5.71 8.63 27.30
C GLN E 72 4.42 8.57 28.10
N ARG E 73 4.12 9.62 28.86
CA ARG E 73 2.88 9.64 29.63
C ARG E 73 1.66 9.59 28.72
N LEU E 74 1.68 10.35 27.62
CA LEU E 74 0.55 10.36 26.71
C LEU E 74 0.34 9.00 26.07
N VAL E 75 1.43 8.37 25.62
CA VAL E 75 1.32 7.07 24.97
C VAL E 75 0.81 6.02 25.96
N LEU E 76 1.35 6.02 27.18
CA LEU E 76 0.90 5.07 28.18
C LEU E 76 -0.57 5.28 28.54
N GLU E 77 -1.00 6.55 28.62
CA GLU E 77 -2.40 6.82 28.96
C GLU E 77 -3.33 6.36 27.85
N ILE E 78 -2.96 6.58 26.58
CA ILE E 78 -3.78 6.06 25.49
C ILE E 78 -3.86 4.53 25.56
N ALA E 79 -2.73 3.86 25.77
CA ALA E 79 -2.69 2.41 25.81
C ALA E 79 -3.56 1.83 26.92
N GLN E 80 -3.68 2.47 28.08
CA GLN E 80 -4.55 1.96 29.14
C GLN E 80 -6.02 1.87 28.74
N ASP E 81 -6.53 2.71 27.81
CA ASP E 81 -7.84 2.38 27.22
C ASP E 81 -7.87 1.02 26.48
N PHE E 82 -6.94 0.73 25.57
CA PHE E 82 -6.98 -0.46 24.71
C PHE E 82 -6.72 -1.78 25.44
N LYS E 83 -5.75 -1.81 26.36
CA LYS E 83 -5.46 -2.94 27.24
C LYS E 83 -4.76 -2.44 28.48
N THR E 84 -5.37 -2.68 29.63
CA THR E 84 -4.98 -2.03 30.89
C THR E 84 -3.58 -2.41 31.42
N ASP E 85 -3.12 -3.64 31.18
CA ASP E 85 -2.03 -4.26 31.96
C ASP E 85 -0.63 -4.27 31.29
N LEU E 86 -0.43 -3.60 30.15
CA LEU E 86 0.79 -3.68 29.34
C LEU E 86 2.01 -2.93 29.88
N CYS E 87 3.21 -3.45 29.61
CA CYS E 87 4.45 -2.70 29.71
C CYS E 87 4.85 -2.19 28.31
N PHE E 88 5.55 -1.09 28.14
CA PHE E 88 6.17 -0.67 26.88
C PHE E 88 7.68 -0.76 26.98
N GLN E 89 8.34 -1.30 25.96
CA GLN E 89 9.80 -1.22 25.86
C GLN E 89 10.28 0.22 25.65
N SER E 90 11.49 0.59 26.07
CA SER E 90 11.99 1.95 25.84
C SER E 90 12.13 2.29 24.35
N ALA E 91 12.51 1.31 23.51
CA ALA E 91 12.56 1.43 22.06
C ALA E 91 11.18 1.60 21.45
N ALA E 92 10.15 1.02 22.07
CA ALA E 92 8.80 1.21 21.57
C ALA E 92 8.37 2.67 21.65
N ILE E 93 8.64 3.30 22.80
CA ILE E 93 8.31 4.71 22.95
C ILE E 93 9.15 5.57 22.00
N GLY E 94 10.42 5.20 21.83
CA GLY E 94 11.25 5.93 20.88
C GLY E 94 10.71 5.85 19.45
N ALA E 95 10.30 4.66 19.02
CA ALA E 95 9.73 4.51 17.69
C ALA E 95 8.45 5.31 17.53
N LEU E 96 7.57 5.25 18.54
CA LEU E 96 6.33 6.01 18.48
C LEU E 96 6.59 7.50 18.41
N GLN E 97 7.55 7.99 19.21
CA GLN E 97 7.87 9.42 19.20
C GLN E 97 8.45 9.85 17.86
N GLU E 98 9.34 9.03 17.29
CA GLU E 98 9.91 9.36 15.98
C GLU E 98 8.82 9.44 14.92
N ALA E 99 7.94 8.43 14.88
CA ALA E 99 6.88 8.43 13.88
C ALA E 99 5.93 9.60 14.06
N SER E 100 5.58 9.93 15.31
CA SER E 100 4.68 11.04 15.57
C SER E 100 5.29 12.36 15.13
N GLU E 101 6.57 12.57 15.43
CA GLU E 101 7.23 13.79 15.02
C GLU E 101 7.29 13.91 13.50
N ALA E 102 7.61 12.81 12.81
CA ALA E 102 7.65 12.85 11.35
C ALA E 102 6.27 13.15 10.76
N TYR E 103 5.24 12.52 11.31
CA TYR E 103 3.87 12.75 10.82
C TYR E 103 3.46 14.21 11.02
N LEU E 104 3.75 14.76 12.20
CA LEU E 104 3.38 16.15 12.47
C LEU E 104 4.15 17.11 11.57
N VAL E 105 5.43 16.85 11.33
CA VAL E 105 6.23 17.70 10.45
C VAL E 105 5.66 17.70 9.03
N GLY E 106 5.32 16.51 8.53
CA GLY E 106 4.72 16.44 7.19
C GLY E 106 3.38 17.16 7.12
N LEU E 107 2.54 16.98 8.14
CA LEU E 107 1.27 17.67 8.18
C LEU E 107 1.46 19.18 8.19
N PHE E 108 2.46 19.67 8.92
CA PHE E 108 2.70 21.11 8.97
C PHE E 108 3.25 21.63 7.65
N GLU E 109 4.04 20.83 6.93
CA GLU E 109 4.50 21.24 5.60
C GLU E 109 3.31 21.39 4.64
N ASP E 110 2.41 20.41 4.64
CA ASP E 110 1.22 20.52 3.79
C ASP E 110 0.33 21.69 4.22
N THR E 111 0.25 21.93 5.53
CA THR E 111 -0.52 23.07 6.04
C THR E 111 0.06 24.39 5.55
N ASN E 112 1.39 24.51 5.57
CA ASN E 112 2.02 25.73 5.06
C ASN E 112 1.76 25.90 3.58
N LEU E 113 1.80 24.80 2.82
CA LEU E 113 1.46 24.90 1.39
C LEU E 113 0.04 25.39 1.19
N CYS E 114 -0.90 24.86 1.99
CA CYS E 114 -2.29 25.31 1.89
C CYS E 114 -2.41 26.80 2.22
N ALA E 115 -1.73 27.24 3.28
CA ALA E 115 -1.79 28.65 3.67
C ALA E 115 -1.23 29.55 2.57
N ILE E 116 -0.10 29.17 1.98
CA ILE E 116 0.48 29.95 0.89
C ILE E 116 -0.47 29.99 -0.29
N HIS E 117 -1.16 28.89 -0.57
CA HIS E 117 -2.14 28.87 -1.65
C HIS E 117 -3.27 29.85 -1.39
N ALA E 118 -3.72 29.95 -0.14
CA ALA E 118 -4.85 30.80 0.22
C ALA E 118 -4.50 32.28 0.30
N LYS E 119 -3.33 32.68 -0.23
CA LYS E 119 -2.87 34.07 -0.22
C LYS E 119 -2.65 34.61 1.18
N ARG E 120 -2.28 33.74 2.12
CA ARG E 120 -1.96 34.14 3.48
C ARG E 120 -0.50 33.82 3.79
N VAL E 121 -0.09 34.12 5.01
CA VAL E 121 1.27 33.81 5.47
C VAL E 121 1.17 32.97 6.74
N THR E 122 0.08 33.12 7.47
CA THR E 122 -0.14 32.38 8.71
C THR E 122 -0.99 31.15 8.44
N ILE E 123 -0.77 30.11 9.23
CA ILE E 123 -1.51 28.87 9.10
C ILE E 123 -2.65 28.90 10.12
N MET E 124 -3.83 28.48 9.67
CA MET E 124 -5.03 28.44 10.48
C MET E 124 -5.62 27.04 10.37
N PRO E 125 -6.47 26.64 11.33
CA PRO E 125 -6.97 25.26 11.33
C PRO E 125 -7.53 24.78 10.01
N LYS E 126 -8.27 25.63 9.28
CA LYS E 126 -8.85 25.23 8.00
C LYS E 126 -7.81 24.67 7.04
N ASP E 127 -6.57 25.12 7.15
CA ASP E 127 -5.47 24.53 6.40
C ASP E 127 -5.23 23.07 6.80
N THR E 128 -5.24 22.76 8.08
CA THR E 128 -5.03 21.40 8.56
C THR E 128 -6.18 20.48 8.15
N GLN E 129 -7.45 20.88 8.18
CA GLN E 129 -8.50 20.01 7.67
C GLN E 129 -8.37 19.78 6.17
N LEU E 130 -7.99 20.80 5.40
CA LEU E 130 -7.81 20.59 3.97
C LEU E 130 -6.68 19.59 3.70
N ALA E 131 -5.56 19.74 4.39
CA ALA E 131 -4.44 18.82 4.19
C ALA E 131 -4.82 17.40 4.59
N GLY E 132 -5.48 17.24 5.73
CA GLY E 132 -5.91 15.92 6.16
C GLY E 132 -6.91 15.30 5.19
N TYR E 133 -7.83 16.10 4.64
CA TYR E 133 -8.80 15.59 3.68
C TYR E 133 -8.13 15.17 2.39
N ILE E 134 -7.19 15.95 1.86
CA ILE E 134 -6.54 15.56 0.61
C ILE E 134 -5.69 14.32 0.80
N CYS E 135 -4.86 14.31 1.85
CA CYS E 135 -4.01 13.14 2.09
C CYS E 135 -4.83 11.91 2.47
N ARG E 136 -5.90 12.06 3.25
CA ARG E 136 -6.81 11.00 3.71
C ARG E 136 -6.12 9.86 4.49
N ASN F 29 -2.23 15.37 30.33
CA ASN F 29 -2.53 14.28 29.41
C ASN F 29 -1.98 14.61 28.02
N ILE F 30 -2.88 15.08 27.15
CA ILE F 30 -2.47 15.57 25.84
C ILE F 30 -1.86 16.97 25.93
N GLN F 31 -2.07 17.67 27.04
CA GLN F 31 -1.55 19.03 27.19
C GLN F 31 -0.08 19.06 27.55
N GLY F 32 0.58 17.91 27.66
CA GLY F 32 2.02 17.89 27.75
C GLY F 32 2.72 18.16 26.43
N ILE F 33 1.96 18.20 25.34
CA ILE F 33 2.48 18.62 24.02
C ILE F 33 2.32 20.13 24.00
N THR F 34 3.30 20.84 24.55
CA THR F 34 3.17 22.25 24.85
C THR F 34 3.13 23.08 23.56
N LYS F 35 2.82 24.36 23.73
CA LYS F 35 2.83 25.28 22.59
C LYS F 35 4.22 25.43 21.98
N PRO F 36 5.30 25.61 22.76
CA PRO F 36 6.63 25.69 22.12
C PRO F 36 7.01 24.45 21.33
N ALA F 37 6.59 23.26 21.77
CA ALA F 37 6.89 22.06 21.00
C ALA F 37 6.19 22.09 19.64
N ILE F 38 4.92 22.52 19.62
CA ILE F 38 4.20 22.62 18.36
C ILE F 38 4.81 23.70 17.48
N ARG F 39 5.29 24.81 18.05
CA ARG F 39 6.05 25.83 17.29
C ARG F 39 7.32 25.26 16.69
N ARG F 40 8.10 24.48 17.44
CA ARG F 40 9.33 23.87 16.92
C ARG F 40 9.05 22.87 15.79
N LEU F 41 8.02 22.04 15.91
CA LEU F 41 7.54 21.14 14.86
C LEU F 41 7.05 21.89 13.63
N ALA F 42 6.33 22.99 13.81
CA ALA F 42 5.87 23.84 12.73
C ALA F 42 7.01 24.57 12.04
N ARG F 43 7.98 25.13 12.76
CA ARG F 43 9.16 25.81 12.18
C ARG F 43 10.11 24.85 11.48
N ARG F 44 10.28 23.60 11.95
CA ARG F 44 10.94 22.57 11.15
C ARG F 44 10.13 22.21 9.92
N GLY F 45 8.81 22.38 9.97
CA GLY F 45 8.00 22.20 8.79
C GLY F 45 8.12 23.34 7.80
N GLY F 46 8.56 24.51 8.25
CA GLY F 46 8.67 25.68 7.41
C GLY F 46 7.63 26.74 7.67
N VAL F 47 6.70 26.50 8.60
CA VAL F 47 5.65 27.47 8.87
C VAL F 47 6.26 28.75 9.42
N LYS F 48 5.82 29.89 8.88
CA LYS F 48 6.36 31.18 9.30
C LYS F 48 5.54 31.80 10.42
N ARG F 49 4.21 31.79 10.31
CA ARG F 49 3.32 32.39 11.29
C ARG F 49 2.25 31.38 11.67
N ILE F 50 1.93 31.32 12.96
CA ILE F 50 1.03 30.31 13.50
C ILE F 50 -0.14 31.01 14.17
N SER F 51 -1.35 30.55 13.85
CA SER F 51 -2.54 31.04 14.53
C SER F 51 -2.66 30.40 15.91
N GLY F 52 -3.54 30.97 16.74
CA GLY F 52 -3.72 30.46 18.08
C GLY F 52 -4.62 29.26 18.19
N LEU F 53 -5.41 29.00 17.16
CA LEU F 53 -6.30 27.85 17.13
C LEU F 53 -5.63 26.60 16.55
N ILE F 54 -4.36 26.71 16.13
CA ILE F 54 -3.66 25.58 15.54
C ILE F 54 -3.33 24.52 16.59
N TYR F 55 -2.94 24.95 17.79
CA TYR F 55 -2.39 24.02 18.77
C TYR F 55 -3.40 22.96 19.19
N GLU F 56 -4.65 23.34 19.36
CA GLU F 56 -5.69 22.36 19.69
C GLU F 56 -5.88 21.36 18.57
N GLU F 57 -5.88 21.83 17.32
CA GLU F 57 -5.96 20.93 16.18
C GLU F 57 -4.80 19.94 16.17
N THR F 58 -3.59 20.43 16.44
CA THR F 58 -2.42 19.57 16.44
C THR F 58 -2.50 18.51 17.53
N ARG F 59 -2.95 18.91 18.73
CA ARG F 59 -3.12 17.93 19.79
C ARG F 59 -4.15 16.88 19.40
N GLY F 60 -5.26 17.30 18.77
CA GLY F 60 -6.26 16.34 18.36
C GLY F 60 -5.75 15.35 17.32
N VAL F 61 -5.04 15.85 16.31
CA VAL F 61 -4.56 14.95 15.26
C VAL F 61 -3.47 14.03 15.81
N LEU F 62 -2.65 14.52 16.73
CA LEU F 62 -1.68 13.64 17.38
C LEU F 62 -2.38 12.54 18.16
N LYS F 63 -3.45 12.89 18.88
CA LYS F 63 -4.18 11.87 19.62
C LYS F 63 -4.76 10.82 18.70
N VAL F 64 -5.31 11.23 17.56
CA VAL F 64 -5.91 10.26 16.63
C VAL F 64 -4.85 9.34 16.03
N PHE F 65 -3.73 9.93 15.59
CA PHE F 65 -2.66 9.11 14.99
C PHE F 65 -2.13 8.11 16.00
N LEU F 66 -1.88 8.56 17.23
CA LEU F 66 -1.39 7.66 18.26
C LEU F 66 -2.42 6.60 18.59
N GLU F 67 -3.70 6.95 18.60
CA GLU F 67 -4.74 5.96 18.87
C GLU F 67 -4.69 4.82 17.86
N ASN F 68 -4.64 5.16 16.58
CA ASN F 68 -4.61 4.11 15.56
C ASN F 68 -3.36 3.24 15.69
N VAL F 69 -2.18 3.87 15.79
CA VAL F 69 -0.94 3.11 15.83
C VAL F 69 -0.87 2.23 17.08
N ILE F 70 -1.26 2.78 18.23
CA ILE F 70 -1.19 2.02 19.47
C ILE F 70 -2.20 0.88 19.46
N ARG F 71 -3.38 1.08 18.88
CA ARG F 71 -4.33 -0.02 18.82
C ARG F 71 -3.79 -1.17 17.99
N ASP F 72 -3.20 -0.87 16.83
CA ASP F 72 -2.60 -1.94 16.02
C ASP F 72 -1.47 -2.62 16.77
N ALA F 73 -0.63 -1.84 17.46
CA ALA F 73 0.49 -2.43 18.19
C ALA F 73 0.02 -3.33 19.32
N VAL F 74 -1.04 -2.93 20.02
CA VAL F 74 -1.57 -3.75 21.11
C VAL F 74 -2.18 -5.03 20.58
N THR F 75 -2.86 -4.97 19.44
CA THR F 75 -3.37 -6.19 18.82
C THR F 75 -2.21 -7.13 18.49
N TYR F 76 -1.16 -6.60 17.89
CA TYR F 76 0.01 -7.42 17.54
C TYR F 76 0.64 -8.04 18.78
N THR F 77 0.74 -7.26 19.87
CA THR F 77 1.33 -7.76 21.10
C THR F 77 0.49 -8.88 21.71
N GLU F 78 -0.83 -8.70 21.73
CA GLU F 78 -1.67 -9.73 22.34
C GLU F 78 -1.76 -11.00 21.50
N HIS F 79 -1.60 -10.90 20.18
CA HIS F 79 -1.60 -12.14 19.40
C HIS F 79 -0.45 -13.05 19.81
N ALA F 80 0.71 -12.48 20.10
CA ALA F 80 1.85 -13.26 20.54
C ALA F 80 1.74 -13.69 21.99
N LYS F 81 0.64 -13.38 22.66
CA LYS F 81 0.42 -13.71 24.07
C LYS F 81 1.49 -13.11 24.97
N ARG F 82 2.04 -11.97 24.56
CA ARG F 82 3.00 -11.24 25.38
C ARG F 82 2.28 -10.19 26.21
N LYS F 83 3.04 -9.50 27.05
CA LYS F 83 2.50 -8.42 27.87
C LYS F 83 3.32 -7.15 27.80
N THR F 84 4.41 -7.12 27.02
CA THR F 84 5.22 -5.92 26.74
C THR F 84 5.16 -5.61 25.26
N VAL F 85 4.87 -4.36 24.85
CA VAL F 85 4.83 -3.97 23.46
C VAL F 85 6.25 -3.60 23.02
N THR F 86 6.78 -4.34 22.06
CA THR F 86 8.15 -4.17 21.62
C THR F 86 8.24 -3.18 20.48
N ALA F 87 9.47 -2.77 20.16
CA ALA F 87 9.67 -1.85 19.04
C ALA F 87 9.22 -2.47 17.73
N MET F 88 9.35 -3.78 17.59
CA MET F 88 8.93 -4.43 16.36
C MET F 88 7.42 -4.42 16.21
N ASP F 89 6.66 -4.48 17.31
CA ASP F 89 5.22 -4.34 17.21
C ASP F 89 4.83 -2.98 16.64
N VAL F 90 5.48 -1.92 17.11
CA VAL F 90 5.21 -0.59 16.59
C VAL F 90 5.64 -0.47 15.14
N VAL F 91 6.75 -1.10 14.78
CA VAL F 91 7.19 -1.06 13.39
C VAL F 91 6.18 -1.76 12.48
N TYR F 92 5.68 -2.93 12.90
CA TYR F 92 4.70 -3.64 12.11
C TYR F 92 3.39 -2.86 12.03
N ALA F 93 2.97 -2.23 13.13
CA ALA F 93 1.78 -1.40 13.09
C ALA F 93 1.94 -0.26 12.09
N LEU F 94 3.03 0.49 12.20
CA LEU F 94 3.27 1.59 11.27
C LEU F 94 3.27 1.11 9.83
N LYS F 95 3.95 -0.01 9.56
CA LYS F 95 3.98 -0.54 8.20
C LYS F 95 2.59 -0.98 7.75
N ARG F 96 1.72 -1.36 8.68
CA ARG F 96 0.34 -1.66 8.33
C ARG F 96 -0.42 -0.40 7.94
N GLN F 97 -0.23 0.69 8.69
CA GLN F 97 -0.75 1.98 8.25
C GLN F 97 0.00 2.57 7.06
N GLY F 98 1.12 1.98 6.65
CA GLY F 98 1.91 2.52 5.57
C GLY F 98 2.97 3.51 5.97
N ARG F 99 3.42 3.48 7.22
CA ARG F 99 4.37 4.47 7.74
C ARG F 99 5.71 3.81 8.05
N THR F 100 6.20 2.98 7.12
CA THR F 100 7.44 2.24 7.29
C THR F 100 8.53 3.06 7.97
N LEU F 101 9.13 2.49 9.01
CA LEU F 101 10.09 3.18 9.86
C LEU F 101 11.38 2.38 9.92
N TYR F 102 12.50 3.05 9.60
CA TYR F 102 13.81 2.42 9.62
C TYR F 102 14.56 2.80 10.89
N GLY F 103 15.32 1.86 11.43
CA GLY F 103 16.20 2.12 12.55
C GLY F 103 15.86 1.40 13.83
N PHE F 104 14.76 0.66 13.90
CA PHE F 104 14.38 -0.06 15.10
C PHE F 104 14.21 -1.56 14.87
N GLY F 105 14.36 -2.04 13.64
CA GLY F 105 14.24 -3.45 13.34
C GLY F 105 13.58 -3.74 12.01
N ALA G 18 -22.85 -34.52 8.94
CA ALA G 18 -23.03 -34.04 7.57
C ALA G 18 -21.76 -34.26 6.75
N LYS G 19 -21.93 -34.59 5.47
CA LYS G 19 -20.77 -34.89 4.63
C LYS G 19 -20.01 -33.62 4.26
N THR G 20 -20.73 -32.55 3.91
CA THR G 20 -20.08 -31.34 3.45
C THR G 20 -19.66 -30.48 4.65
N ARG G 21 -18.39 -30.07 4.66
CA ARG G 21 -17.90 -29.22 5.74
C ARG G 21 -18.60 -27.86 5.76
N SER G 22 -19.09 -27.41 4.61
CA SER G 22 -19.81 -26.14 4.57
C SER G 22 -21.15 -26.24 5.30
N SER G 23 -21.75 -27.43 5.33
CA SER G 23 -23.00 -27.63 6.05
C SER G 23 -22.77 -27.98 7.51
N ARG G 24 -21.69 -28.70 7.82
CA ARG G 24 -21.38 -29.05 9.19
C ARG G 24 -21.19 -27.80 10.05
N ALA G 25 -20.65 -26.74 9.46
CA ALA G 25 -20.54 -25.44 10.11
C ALA G 25 -21.73 -24.54 9.83
N GLY G 26 -22.67 -24.98 9.01
CA GLY G 26 -23.86 -24.19 8.73
C GLY G 26 -23.60 -22.89 7.99
N LEU G 27 -22.76 -22.93 6.95
CA LEU G 27 -22.41 -21.76 6.15
C LEU G 27 -22.93 -21.94 4.73
N GLN G 28 -22.72 -20.90 3.93
CA GLN G 28 -22.99 -20.96 2.50
C GLN G 28 -21.74 -20.87 1.64
N PHE G 29 -20.64 -20.33 2.18
CA PHE G 29 -19.39 -20.40 1.42
C PHE G 29 -18.70 -21.75 1.61
N PRO G 30 -17.95 -22.21 0.61
CA PRO G 30 -17.33 -23.53 0.68
C PRO G 30 -16.12 -23.54 1.60
N VAL G 31 -16.14 -24.42 2.60
CA VAL G 31 -14.98 -24.55 3.47
C VAL G 31 -13.88 -25.37 2.80
N GLY G 32 -14.25 -26.35 1.99
CA GLY G 32 -13.24 -27.14 1.29
C GLY G 32 -12.45 -26.33 0.28
N ARG G 33 -13.15 -25.49 -0.49
CA ARG G 33 -12.46 -24.62 -1.44
C ARG G 33 -11.54 -23.62 -0.73
N VAL G 34 -11.99 -23.06 0.39
CA VAL G 34 -11.17 -22.13 1.13
C VAL G 34 -9.95 -22.84 1.73
N HIS G 35 -10.13 -24.08 2.19
CA HIS G 35 -9.00 -24.86 2.66
C HIS G 35 -8.00 -25.10 1.55
N ARG G 36 -8.47 -25.47 0.36
CA ARG G 36 -7.58 -25.70 -0.76
C ARG G 36 -6.85 -24.42 -1.16
N LEU G 37 -7.55 -23.28 -1.13
CA LEU G 37 -6.92 -22.01 -1.47
C LEU G 37 -5.87 -21.61 -0.45
N LEU G 38 -6.14 -21.84 0.84
CA LEU G 38 -5.15 -21.55 1.87
C LEU G 38 -3.98 -22.54 1.83
N ARG G 39 -4.17 -23.70 1.21
CA ARG G 39 -3.10 -24.67 1.05
C ARG G 39 -2.23 -24.40 -0.17
N LYS G 40 -2.81 -23.87 -1.25
CA LYS G 40 -2.09 -23.66 -2.50
C LYS G 40 -1.80 -22.18 -2.77
N GLY G 41 -1.79 -21.36 -1.73
CA GLY G 41 -1.63 -19.93 -1.92
C GLY G 41 -0.31 -19.38 -1.43
N ASN G 42 0.56 -20.25 -0.92
CA ASN G 42 1.86 -19.86 -0.37
C ASN G 42 1.69 -18.84 0.76
N TYR G 43 0.90 -19.22 1.75
CA TYR G 43 0.76 -18.45 2.99
C TYR G 43 1.44 -19.09 4.17
N SER G 44 1.49 -20.42 4.22
CA SER G 44 2.24 -21.16 5.23
C SER G 44 2.37 -22.60 4.75
N GLU G 45 3.22 -23.35 5.42
CA GLU G 45 3.40 -24.76 5.08
C GLU G 45 2.44 -25.66 5.84
N ARG G 46 1.51 -25.08 6.58
CA ARG G 46 0.60 -25.84 7.41
C ARG G 46 -0.64 -24.99 7.64
N VAL G 47 -1.81 -25.57 7.41
CA VAL G 47 -3.08 -24.88 7.62
C VAL G 47 -3.91 -25.71 8.59
N GLY G 48 -4.44 -25.04 9.61
CA GLY G 48 -5.24 -25.71 10.61
C GLY G 48 -6.56 -26.19 10.05
N ALA G 49 -7.31 -26.87 10.91
CA ALA G 49 -8.60 -27.42 10.50
C ALA G 49 -9.70 -26.36 10.55
N GLY G 50 -9.72 -25.54 11.60
CA GLY G 50 -10.73 -24.52 11.77
C GLY G 50 -10.47 -23.20 11.10
N ALA G 51 -9.27 -22.99 10.57
CA ALA G 51 -8.98 -21.75 9.85
C ALA G 51 -9.87 -21.57 8.63
N PRO G 52 -10.06 -22.56 7.74
CA PRO G 52 -10.99 -22.34 6.63
C PRO G 52 -12.41 -22.05 7.07
N VAL G 53 -12.86 -22.66 8.16
CA VAL G 53 -14.22 -22.41 8.66
C VAL G 53 -14.34 -20.96 9.10
N TYR G 54 -13.37 -20.48 9.88
CA TYR G 54 -13.39 -19.09 10.34
C TYR G 54 -13.37 -18.12 9.17
N LEU G 55 -12.48 -18.37 8.19
CA LEU G 55 -12.37 -17.45 7.06
C LEU G 55 -13.64 -17.46 6.22
N ALA G 56 -14.22 -18.64 5.98
CA ALA G 56 -15.44 -18.73 5.19
C ALA G 56 -16.58 -18.03 5.90
N ALA G 57 -16.68 -18.17 7.23
CA ALA G 57 -17.72 -17.49 7.97
C ALA G 57 -17.56 -15.98 7.89
N VAL G 58 -16.33 -15.48 8.00
CA VAL G 58 -16.09 -14.04 7.92
C VAL G 58 -16.47 -13.52 6.53
N LEU G 59 -16.04 -14.23 5.49
CA LEU G 59 -16.38 -13.81 4.12
C LEU G 59 -17.89 -13.82 3.91
N GLU G 60 -18.57 -14.85 4.42
CA GLU G 60 -20.02 -14.92 4.27
C GLU G 60 -20.70 -13.76 4.99
N TYR G 61 -20.23 -13.42 6.19
CA TYR G 61 -20.83 -12.29 6.91
C TYR G 61 -20.66 -10.99 6.14
N LEU G 62 -19.45 -10.74 5.62
CA LEU G 62 -19.22 -9.51 4.87
C LEU G 62 -20.10 -9.46 3.62
N THR G 63 -20.17 -10.57 2.88
CA THR G 63 -20.99 -10.61 1.67
C THR G 63 -22.47 -10.41 2.00
N ALA G 64 -22.95 -11.03 3.07
CA ALA G 64 -24.35 -10.87 3.46
C ALA G 64 -24.66 -9.43 3.82
N GLU G 65 -23.76 -8.78 4.56
CA GLU G 65 -23.97 -7.39 4.95
C GLU G 65 -24.06 -6.49 3.72
N ILE G 66 -23.09 -6.61 2.81
CA ILE G 66 -23.08 -5.71 1.66
C ILE G 66 -24.26 -6.00 0.73
N LEU G 67 -24.63 -7.27 0.58
CA LEU G 67 -25.81 -7.59 -0.23
C LEU G 67 -27.09 -7.06 0.41
N GLU G 68 -27.20 -7.13 1.73
CA GLU G 68 -28.37 -6.58 2.40
C GLU G 68 -28.49 -5.09 2.16
N LEU G 69 -27.37 -4.35 2.31
CA LEU G 69 -27.43 -2.91 2.07
C LEU G 69 -27.74 -2.60 0.61
N ALA G 70 -27.16 -3.36 -0.32
CA ALA G 70 -27.44 -3.12 -1.73
C ALA G 70 -28.89 -3.39 -2.08
N GLY G 71 -29.47 -4.46 -1.53
CA GLY G 71 -30.88 -4.74 -1.79
C GLY G 71 -31.79 -3.71 -1.16
N ASN G 72 -31.44 -3.22 0.03
CA ASN G 72 -32.22 -2.16 0.65
C ASN G 72 -32.16 -0.88 -0.17
N ALA G 73 -30.99 -0.57 -0.73
CA ALA G 73 -30.87 0.58 -1.62
C ALA G 73 -31.70 0.39 -2.89
N ALA G 74 -31.66 -0.80 -3.48
CA ALA G 74 -32.42 -1.04 -4.70
C ALA G 74 -33.92 -1.02 -4.45
N ARG G 75 -34.36 -1.43 -3.26
CA ARG G 75 -35.78 -1.35 -2.92
C ARG G 75 -36.21 0.08 -2.63
N ASP G 76 -35.28 0.95 -2.23
CA ASP G 76 -35.59 2.36 -2.04
C ASP G 76 -35.77 3.09 -3.36
N ASN G 77 -35.41 2.47 -4.48
CA ASN G 77 -35.59 3.06 -5.80
C ASN G 77 -36.62 2.29 -6.62
N LYS G 78 -37.42 1.45 -5.96
CA LYS G 78 -38.46 0.66 -6.63
C LYS G 78 -37.89 -0.18 -7.76
N LYS G 79 -36.67 -0.68 -7.56
CA LYS G 79 -36.02 -1.58 -8.49
C LYS G 79 -36.01 -2.99 -7.92
N THR G 80 -35.85 -3.97 -8.80
CA THR G 80 -35.88 -5.37 -8.40
C THR G 80 -34.49 -6.00 -8.31
N ARG G 81 -33.58 -5.61 -9.20
CA ARG G 81 -32.27 -6.21 -9.29
C ARG G 81 -31.21 -5.29 -8.70
N ILE G 82 -30.14 -5.89 -8.19
CA ILE G 82 -29.00 -5.16 -7.65
C ILE G 82 -27.99 -4.97 -8.77
N ILE G 83 -27.78 -3.73 -9.18
CA ILE G 83 -26.82 -3.42 -10.25
C ILE G 83 -25.61 -2.75 -9.61
N PRO G 84 -24.51 -2.54 -10.34
CA PRO G 84 -23.32 -1.93 -9.71
C PRO G 84 -23.59 -0.60 -9.03
N ARG G 85 -24.53 0.19 -9.55
CA ARG G 85 -24.82 1.49 -8.93
C ARG G 85 -25.32 1.31 -7.51
N HIS G 86 -26.17 0.31 -7.26
CA HIS G 86 -26.65 0.07 -5.91
C HIS G 86 -25.53 -0.40 -4.99
N LEU G 87 -24.60 -1.19 -5.52
CA LEU G 87 -23.44 -1.58 -4.73
C LEU G 87 -22.59 -0.37 -4.34
N GLN G 88 -22.37 0.55 -5.29
CA GLN G 88 -21.62 1.76 -4.97
C GLN G 88 -22.34 2.60 -3.93
N LEU G 89 -23.67 2.72 -4.06
CA LEU G 89 -24.42 3.47 -3.05
C LEU G 89 -24.33 2.81 -1.68
N ALA G 90 -24.44 1.49 -1.62
CA ALA G 90 -24.37 0.80 -0.34
C ALA G 90 -22.99 0.91 0.29
N ILE G 91 -21.93 0.94 -0.54
CA ILE G 91 -20.59 1.03 0.01
C ILE G 91 -20.31 2.45 0.49
N ARG G 92 -20.57 3.45 -0.36
CA ARG G 92 -20.17 4.82 -0.03
C ARG G 92 -21.04 5.42 1.07
N ASN G 93 -22.30 5.03 1.16
CA ASN G 93 -23.20 5.58 2.17
C ASN G 93 -22.96 5.00 3.57
N ASP G 94 -22.05 4.04 3.70
CA ASP G 94 -21.72 3.44 4.98
C ASP G 94 -20.30 3.86 5.37
N GLU G 95 -20.09 4.12 6.65
CA GLU G 95 -18.80 4.62 7.10
C GLU G 95 -17.74 3.53 7.12
N GLU G 96 -17.98 2.46 7.89
CA GLU G 96 -17.00 1.39 8.02
C GLU G 96 -16.77 0.68 6.71
N LEU G 97 -17.84 0.39 5.96
CA LEU G 97 -17.71 -0.32 4.71
C LEU G 97 -16.91 0.48 3.68
N ASN G 98 -17.19 1.79 3.63
CA ASN G 98 -16.43 2.73 2.80
C ASN G 98 -14.97 2.81 3.22
N LYS G 99 -14.70 2.77 4.53
CA LYS G 99 -13.34 2.79 5.04
C LYS G 99 -12.60 1.51 4.68
N LEU G 100 -13.33 0.40 4.50
CA LEU G 100 -12.70 -0.83 4.05
C LEU G 100 -12.34 -0.78 2.57
N LEU G 101 -13.14 -0.09 1.76
CA LEU G 101 -12.93 -0.05 0.31
C LEU G 101 -12.72 1.36 -0.19
N GLY G 102 -11.87 2.13 0.50
CA GLY G 102 -11.67 3.52 0.13
C GLY G 102 -10.82 3.77 -1.08
N ARG G 103 -10.13 2.74 -1.58
CA ARG G 103 -9.29 2.86 -2.77
C ARG G 103 -9.76 1.92 -3.86
N VAL G 104 -11.05 1.61 -3.90
CA VAL G 104 -11.62 0.62 -4.81
C VAL G 104 -12.57 1.33 -5.76
N THR G 105 -12.39 1.10 -7.05
CA THR G 105 -13.22 1.69 -8.10
C THR G 105 -14.26 0.67 -8.53
N ILE G 106 -15.52 0.93 -8.24
CA ILE G 106 -16.61 0.05 -8.62
C ILE G 106 -16.98 0.36 -10.06
N ALA G 107 -16.65 -0.54 -10.98
CA ALA G 107 -16.91 -0.30 -12.40
C ALA G 107 -18.40 -0.16 -12.67
N GLN G 108 -18.74 0.85 -13.48
CA GLN G 108 -20.12 1.19 -13.83
C GLN G 108 -20.95 1.59 -12.62
N GLY G 109 -20.30 1.94 -11.52
CA GLY G 109 -20.96 2.29 -10.29
C GLY G 109 -21.30 3.75 -10.14
N GLY G 110 -21.12 4.55 -11.19
CA GLY G 110 -21.44 5.97 -11.14
C GLY G 110 -20.39 6.78 -10.43
N ARG H 37 -12.27 -26.15 -16.13
CA ARG H 37 -13.38 -25.34 -15.75
C ARG H 37 -12.99 -24.22 -14.79
N LYS H 38 -13.53 -23.03 -14.98
CA LYS H 38 -13.12 -21.85 -14.19
C LYS H 38 -14.11 -21.64 -13.05
N GLU H 39 -13.56 -21.72 -11.83
CA GLU H 39 -14.31 -21.54 -10.59
C GLU H 39 -14.62 -20.07 -10.29
N SER H 40 -15.60 -19.86 -9.42
CA SER H 40 -16.00 -18.53 -8.96
C SER H 40 -16.87 -18.71 -7.72
N TYR H 41 -17.30 -17.59 -7.16
CA TYR H 41 -18.17 -17.56 -5.98
C TYR H 41 -19.61 -17.22 -6.34
N SER H 42 -20.05 -17.56 -7.55
CA SER H 42 -21.37 -17.13 -7.99
C SER H 42 -22.48 -17.84 -7.21
N ILE H 43 -22.40 -19.17 -7.11
CA ILE H 43 -23.46 -19.93 -6.48
C ILE H 43 -23.66 -19.52 -5.03
N TYR H 44 -22.56 -19.37 -4.30
CA TYR H 44 -22.65 -19.08 -2.88
C TYR H 44 -23.15 -17.66 -2.64
N VAL H 45 -22.71 -16.71 -3.47
CA VAL H 45 -23.21 -15.35 -3.35
C VAL H 45 -24.71 -15.32 -3.63
N TYR H 46 -25.17 -16.07 -4.64
CA TYR H 46 -26.59 -16.10 -4.92
C TYR H 46 -27.37 -16.73 -3.77
N LYS H 47 -26.82 -17.76 -3.14
CA LYS H 47 -27.50 -18.38 -2.00
C LYS H 47 -27.61 -17.40 -0.83
N VAL H 48 -26.53 -16.66 -0.55
CA VAL H 48 -26.60 -15.65 0.51
C VAL H 48 -27.62 -14.58 0.16
N LEU H 49 -27.70 -14.20 -1.11
CA LEU H 49 -28.71 -13.23 -1.54
C LEU H 49 -30.11 -13.77 -1.29
N LYS H 50 -30.34 -15.04 -1.63
CA LYS H 50 -31.66 -15.63 -1.42
C LYS H 50 -32.00 -15.78 0.04
N GLN H 51 -31.00 -15.80 0.93
CA GLN H 51 -31.34 -15.69 2.35
C GLN H 51 -31.69 -14.26 2.74
N VAL H 52 -30.84 -13.29 2.38
CA VAL H 52 -31.07 -11.92 2.86
C VAL H 52 -32.29 -11.28 2.18
N HIS H 53 -32.43 -11.45 0.87
CA HIS H 53 -33.57 -10.92 0.13
C HIS H 53 -34.16 -12.04 -0.73
N PRO H 54 -35.24 -12.68 -0.28
CA PRO H 54 -35.71 -13.89 -0.98
C PRO H 54 -36.21 -13.64 -2.39
N ASP H 55 -36.59 -12.41 -2.73
CA ASP H 55 -37.30 -12.16 -3.98
C ASP H 55 -36.66 -11.02 -4.77
N THR H 56 -35.33 -10.98 -4.82
CA THR H 56 -34.62 -10.03 -5.66
C THR H 56 -33.50 -10.74 -6.40
N GLY H 57 -33.14 -10.20 -7.56
CA GLY H 57 -32.06 -10.73 -8.36
C GLY H 57 -30.80 -9.90 -8.25
N ILE H 58 -29.85 -10.19 -9.13
CA ILE H 58 -28.60 -9.45 -9.18
C ILE H 58 -28.07 -9.51 -10.60
N SER H 59 -27.72 -8.34 -11.16
CA SER H 59 -27.19 -8.30 -12.51
C SER H 59 -25.81 -8.93 -12.58
N SER H 60 -25.44 -9.39 -13.77
CA SER H 60 -24.20 -10.13 -13.94
C SER H 60 -22.97 -9.27 -13.67
N LYS H 61 -23.04 -7.97 -14.01
CA LYS H 61 -21.93 -7.09 -13.68
C LYS H 61 -21.78 -6.93 -12.17
N ALA H 62 -22.89 -6.77 -11.46
CA ALA H 62 -22.83 -6.73 -10.00
C ALA H 62 -22.38 -8.06 -9.44
N MET H 63 -22.68 -9.17 -10.12
CA MET H 63 -22.20 -10.46 -9.67
C MET H 63 -20.68 -10.55 -9.80
N GLY H 64 -20.13 -10.07 -10.91
CA GLY H 64 -18.69 -10.00 -11.04
C GLY H 64 -18.06 -9.10 -10.00
N ILE H 65 -18.71 -7.98 -9.69
CA ILE H 65 -18.19 -7.08 -8.66
C ILE H 65 -18.14 -7.78 -7.30
N MET H 66 -19.21 -8.51 -6.95
CA MET H 66 -19.23 -9.22 -5.69
C MET H 66 -18.18 -10.32 -5.64
N ASN H 67 -17.97 -11.02 -6.76
CA ASN H 67 -16.93 -12.05 -6.81
C ASN H 67 -15.55 -11.43 -6.61
N SER H 68 -15.28 -10.30 -7.26
CA SER H 68 -14.00 -9.61 -7.08
C SER H 68 -13.82 -9.17 -5.64
N PHE H 69 -14.89 -8.68 -5.01
CA PHE H 69 -14.82 -8.26 -3.62
C PHE H 69 -14.49 -9.42 -2.70
N VAL H 70 -15.10 -10.58 -2.94
CA VAL H 70 -14.81 -11.76 -2.13
C VAL H 70 -13.35 -12.17 -2.29
N ASN H 71 -12.86 -12.19 -3.53
CA ASN H 71 -11.47 -12.54 -3.76
C ASN H 71 -10.53 -11.56 -3.05
N ASP H 72 -10.83 -10.28 -3.12
CA ASP H 72 -9.98 -9.26 -2.50
C ASP H 72 -9.93 -9.43 -0.99
N ILE H 73 -11.09 -9.66 -0.36
CA ILE H 73 -11.10 -9.80 1.09
C ILE H 73 -10.39 -11.08 1.51
N PHE H 74 -10.58 -12.17 0.76
CA PHE H 74 -9.86 -13.40 1.04
C PHE H 74 -8.36 -13.17 0.99
N GLU H 75 -7.88 -12.49 -0.05
CA GLU H 75 -6.44 -12.25 -0.18
C GLU H 75 -5.91 -11.38 0.94
N ARG H 76 -6.66 -10.34 1.33
CA ARG H 76 -6.22 -9.47 2.41
C ARG H 76 -6.08 -10.25 3.71
N ILE H 77 -7.11 -11.00 4.08
CA ILE H 77 -7.07 -11.73 5.35
C ILE H 77 -5.99 -12.80 5.32
N ALA H 78 -5.85 -13.50 4.19
CA ALA H 78 -4.84 -14.55 4.09
C ALA H 78 -3.43 -13.98 4.19
N SER H 79 -3.16 -12.86 3.52
CA SER H 79 -1.84 -12.26 3.60
C SER H 79 -1.53 -11.80 5.02
N GLU H 80 -2.49 -11.16 5.68
CA GLU H 80 -2.26 -10.72 7.05
C GLU H 80 -2.01 -11.90 7.97
N ALA H 81 -2.77 -12.98 7.82
CA ALA H 81 -2.57 -14.16 8.65
C ALA H 81 -1.21 -14.80 8.40
N SER H 82 -0.78 -14.84 7.13
CA SER H 82 0.53 -15.40 6.81
C SER H 82 1.64 -14.60 7.45
N ARG H 83 1.57 -13.27 7.38
CA ARG H 83 2.58 -12.45 8.03
C ARG H 83 2.54 -12.60 9.54
N LEU H 84 1.35 -12.76 10.10
CA LEU H 84 1.22 -12.99 11.54
C LEU H 84 1.89 -14.28 11.96
N ALA H 85 1.72 -15.35 11.18
CA ALA H 85 2.36 -16.61 11.49
C ALA H 85 3.88 -16.55 11.26
N HIS H 86 4.31 -15.79 10.25
CA HIS H 86 5.76 -15.63 9.99
C HIS H 86 6.44 -14.87 11.12
N TYR H 87 5.78 -13.83 11.64
CA TYR H 87 6.37 -13.01 12.68
C TYR H 87 6.64 -13.82 13.94
N ASN H 88 5.71 -14.68 14.32
CA ASN H 88 5.81 -15.46 15.55
C ASN H 88 6.56 -16.77 15.36
N LYS H 89 7.28 -16.92 14.25
CA LYS H 89 8.07 -18.10 13.92
C LYS H 89 7.21 -19.35 13.79
N ARG H 90 5.90 -19.18 13.60
CA ARG H 90 4.99 -20.31 13.52
C ARG H 90 4.91 -20.82 12.09
N SER H 91 4.65 -22.12 11.95
CA SER H 91 4.53 -22.76 10.65
C SER H 91 3.10 -22.90 10.18
N THR H 92 2.12 -22.80 11.07
CA THR H 92 0.74 -23.10 10.73
C THR H 92 -0.15 -21.87 10.92
N ILE H 93 -1.27 -21.88 10.21
CA ILE H 93 -2.28 -20.83 10.30
C ILE H 93 -3.46 -21.42 11.05
N THR H 94 -3.58 -21.10 12.33
CA THR H 94 -4.71 -21.54 13.13
C THR H 94 -5.86 -20.56 12.95
N SER H 95 -6.94 -20.78 13.68
CA SER H 95 -8.04 -19.80 13.68
C SER H 95 -7.63 -18.52 14.38
N ARG H 96 -6.63 -18.52 15.25
CA ARG H 96 -6.16 -17.36 15.99
C ARG H 96 -5.42 -16.36 15.10
N GLU H 97 -4.71 -16.79 14.07
CA GLU H 97 -4.14 -15.87 13.08
C GLU H 97 -5.22 -15.26 12.20
N VAL H 98 -6.21 -16.06 11.80
CA VAL H 98 -7.29 -15.53 10.97
C VAL H 98 -8.13 -14.54 11.76
N GLN H 99 -8.39 -14.82 13.04
CA GLN H 99 -9.14 -13.88 13.86
C GLN H 99 -8.39 -12.58 14.05
N THR H 100 -7.08 -12.65 14.26
CA THR H 100 -6.29 -11.44 14.40
C THR H 100 -6.22 -10.66 13.10
N ALA H 101 -6.14 -11.35 11.96
CA ALA H 101 -6.20 -10.68 10.68
C ALA H 101 -7.51 -9.94 10.50
N VAL H 102 -8.62 -10.57 10.87
CA VAL H 102 -9.91 -9.89 10.83
C VAL H 102 -9.89 -8.68 11.76
N ARG H 103 -9.36 -8.86 12.97
CA ARG H 103 -9.36 -7.79 13.97
C ARG H 103 -8.55 -6.57 13.50
N LEU H 104 -7.48 -6.81 12.74
CA LEU H 104 -6.66 -5.71 12.24
C LEU H 104 -7.27 -5.07 11.00
N LEU H 105 -7.76 -5.88 10.06
CA LEU H 105 -8.20 -5.35 8.77
C LEU H 105 -9.57 -4.66 8.82
N LEU H 106 -10.43 -5.01 9.78
CA LEU H 106 -11.78 -4.48 9.67
C LEU H 106 -12.05 -3.41 10.73
N PRO H 107 -12.81 -2.38 10.39
CA PRO H 107 -13.23 -1.37 11.37
C PRO H 107 -14.05 -2.00 12.50
N GLY H 108 -14.34 -1.16 13.51
CA GLY H 108 -14.81 -1.63 14.80
C GLY H 108 -15.99 -2.58 14.85
N GLU H 109 -17.19 -2.12 14.51
CA GLU H 109 -18.36 -2.98 14.61
C GLU H 109 -18.34 -4.08 13.55
N LEU H 110 -17.82 -3.76 12.37
CA LEU H 110 -17.68 -4.76 11.32
C LEU H 110 -16.76 -5.88 11.78
N ALA H 111 -15.63 -5.54 12.40
CA ALA H 111 -14.73 -6.56 12.92
C ALA H 111 -15.37 -7.34 14.06
N LYS H 112 -16.09 -6.68 14.97
CA LYS H 112 -16.80 -7.31 16.09
C LYS H 112 -17.78 -8.36 15.59
N HIS H 113 -18.56 -8.05 14.57
CA HIS H 113 -19.54 -9.00 14.06
C HIS H 113 -18.89 -10.10 13.24
N ALA H 114 -17.83 -9.77 12.49
CA ALA H 114 -17.12 -10.81 11.75
C ALA H 114 -16.50 -11.82 12.69
N VAL H 115 -15.91 -11.34 13.79
CA VAL H 115 -15.33 -12.24 14.79
C VAL H 115 -16.40 -13.11 15.42
N SER H 116 -17.55 -12.53 15.74
CA SER H 116 -18.63 -13.32 16.33
C SER H 116 -19.11 -14.41 15.39
N GLU H 117 -19.25 -14.10 14.09
CA GLU H 117 -19.71 -15.04 13.10
C GLU H 117 -18.70 -16.15 12.88
N GLY H 118 -17.41 -15.81 12.90
CA GLY H 118 -16.37 -16.83 12.78
C GLY H 118 -16.31 -17.74 13.99
N THR H 119 -16.43 -17.17 15.20
CA THR H 119 -16.41 -17.98 16.41
C THR H 119 -17.59 -18.93 16.44
N LYS H 120 -18.77 -18.45 16.07
CA LYS H 120 -19.95 -19.33 16.02
C LYS H 120 -19.75 -20.48 15.03
N ALA H 121 -19.23 -20.17 13.84
CA ALA H 121 -19.04 -21.22 12.84
C ALA H 121 -18.01 -22.25 13.30
N VAL H 122 -16.91 -21.80 13.89
CA VAL H 122 -15.88 -22.73 14.37
C VAL H 122 -16.44 -23.61 15.49
N THR H 123 -17.19 -23.01 16.42
CA THR H 123 -17.77 -23.79 17.51
C THR H 123 -18.74 -24.84 16.97
N LYS H 124 -19.57 -24.47 15.99
CA LYS H 124 -20.49 -25.43 15.40
C LYS H 124 -19.75 -26.51 14.64
N TYR H 125 -18.61 -26.19 14.04
CA TYR H 125 -17.86 -27.19 13.30
C TYR H 125 -17.24 -28.20 14.26
N THR H 126 -16.58 -27.71 15.31
CA THR H 126 -15.89 -28.62 16.22
C THR H 126 -16.86 -29.44 17.06
N SER H 127 -18.04 -28.88 17.36
CA SER H 127 -18.95 -29.56 18.28
C SER H 127 -19.47 -30.87 17.70
N SER H 128 -19.53 -30.98 16.39
CA SER H 128 -20.03 -32.20 15.75
C SER H 128 -18.88 -33.10 15.33
#